data_1PVG
#
_entry.id   1PVG
#
_cell.length_a   58.456
_cell.length_b   71.081
_cell.length_c   216.132
_cell.angle_alpha   90.00
_cell.angle_beta   90.00
_cell.angle_gamma   90.00
#
_symmetry.space_group_name_H-M   'P 21 21 21'
#
loop_
_entity.id
_entity.type
_entity.pdbx_description
1 polymer 'DNA topoisomerase II'
2 non-polymer 'MAGNESIUM ION'
3 non-polymer 'PHOSPHOAMINOPHOSPHONIC ACID-ADENYLATE ESTER'
4 water water
#
_entity_poly.entity_id   1
_entity_poly.type   'polypeptide(L)'
_entity_poly.pdbx_seq_one_letter_code
;GHMVTMSTEPVSASDKYQKISQLEHILKRPDTYIGSVETQEQLQWIYDEETDC(MSE)IEKNVTIVPGLFKIFDEILVNA
ADNKVRDPS(MSE)KRIDVNIHAEEHTIEVKNDGKGIPIEIHNKENIYIPE(MSE)IFGHLLTSSNYDDDEKKVTGGRNG
YGAKLCNIFSTEFILETADLNVGQKYVQKWENN(MSE)SICHPPKITSYKKGPSYTKVTFKPDLTRFG(MSE)KELDNDI
LGV(MSE)RRRVYDINGSVRDINVYLNGKSLKIRNFKNYVELYLKSLEKKRQLDNGEDGAAKSDIPTILYERINNRWEVA
FAVSDISFQQISFVNSIATT(MSE)GGTHVNYITDQIVKKISEILKKKKKKSVKSFQIKNN(MSE)FIFINCLIENPAFT
SQTKEQLTTRVKDFGSRCEIPLEYINKI(MSE)KTDLATR(MSE)FEIADANEENALK
;
_entity_poly.pdbx_strand_id   A,B
#
loop_
_chem_comp.id
_chem_comp.type
_chem_comp.name
_chem_comp.formula
ANP non-polymer 'PHOSPHOAMINOPHOSPHONIC ACID-ADENYLATE ESTER' 'C10 H17 N6 O12 P3'
MG non-polymer 'MAGNESIUM ION' 'Mg 2'
#
# COMPACT_ATOMS: atom_id res chain seq x y z
N SER A 12 -7.24 -32.64 11.59
CA SER A 12 -7.86 -31.67 10.65
C SER A 12 -7.77 -30.24 11.18
N ALA A 13 -8.03 -30.06 12.48
CA ALA A 13 -7.88 -28.74 13.12
C ALA A 13 -6.42 -28.32 13.14
N SER A 14 -5.54 -29.30 13.34
CA SER A 14 -4.10 -29.07 13.25
C SER A 14 -3.67 -28.78 11.81
N ASP A 15 -4.39 -29.36 10.86
CA ASP A 15 -4.13 -29.13 9.44
C ASP A 15 -4.74 -27.81 8.99
N LYS A 16 -5.82 -27.41 9.66
CA LYS A 16 -6.57 -26.20 9.30
C LYS A 16 -5.80 -24.92 9.67
N TYR A 17 -5.22 -24.92 10.87
CA TYR A 17 -4.44 -23.77 11.35
C TYR A 17 -2.97 -24.02 11.17
N GLN A 18 -2.31 -23.11 10.46
CA GLN A 18 -0.90 -23.26 10.11
C GLN A 18 -0.04 -22.12 10.63
N LYS A 19 1.14 -22.46 11.11
CA LYS A 19 2.18 -21.48 11.39
C LYS A 19 3.24 -21.60 10.31
N ILE A 20 3.67 -20.47 9.76
CA ILE A 20 4.72 -20.46 8.76
C ILE A 20 5.80 -19.45 9.13
N SER A 21 7.00 -19.65 8.58
CA SER A 21 8.11 -18.76 8.82
C SER A 21 7.97 -17.50 7.98
N GLN A 22 8.70 -16.46 8.35
CA GLN A 22 8.72 -15.22 7.60
C GLN A 22 9.20 -15.48 6.17
N LEU A 23 10.23 -16.31 6.05
CA LEU A 23 10.75 -16.70 4.74
C LEU A 23 9.70 -17.40 3.90
N GLU A 24 9.00 -18.37 4.49
CA GLU A 24 7.93 -19.08 3.81
C GLU A 24 6.80 -18.13 3.39
N HIS A 25 6.48 -17.16 4.25
CA HIS A 25 5.42 -16.22 3.91
C HIS A 25 5.74 -15.32 2.72
N ILE A 26 6.99 -14.87 2.64
CA ILE A 26 7.44 -14.02 1.53
C ILE A 26 7.26 -14.76 0.20
N LEU A 27 7.65 -16.03 0.17
CA LEU A 27 7.57 -16.82 -1.05
C LEU A 27 6.12 -17.19 -1.40
N LYS A 28 5.31 -17.41 -0.38
CA LYS A 28 3.93 -17.83 -0.55
C LYS A 28 3.08 -16.66 -1.00
N ARG A 29 3.36 -15.50 -0.40
CA ARG A 29 2.55 -14.31 -0.56
C ARG A 29 3.45 -13.10 -0.85
N PRO A 30 3.98 -13.03 -2.07
CA PRO A 30 4.90 -11.95 -2.45
C PRO A 30 4.32 -10.53 -2.42
N ASP A 31 3.00 -10.39 -2.54
CA ASP A 31 2.39 -9.07 -2.83
C ASP A 31 2.80 -7.88 -1.96
N THR A 32 2.73 -8.03 -0.64
CA THR A 32 3.05 -6.89 0.22
C THR A 32 4.54 -6.66 0.38
N TYR A 33 5.35 -7.59 -0.13
CA TYR A 33 6.81 -7.44 -0.09
C TYR A 33 7.38 -6.86 -1.39
N ILE A 34 7.03 -7.45 -2.53
CA ILE A 34 7.61 -7.02 -3.81
C ILE A 34 6.55 -6.68 -4.86
N GLY A 35 5.27 -6.84 -4.49
CA GLY A 35 4.19 -6.69 -5.44
C GLY A 35 3.81 -8.01 -6.08
N SER A 36 2.89 -7.94 -7.03
CA SER A 36 2.30 -9.13 -7.64
C SER A 36 3.35 -9.92 -8.41
N VAL A 37 3.25 -11.26 -8.36
CA VAL A 37 4.05 -12.11 -9.23
C VAL A 37 3.23 -12.61 -10.43
N GLU A 38 2.05 -12.02 -10.62
CA GLU A 38 1.22 -12.31 -11.78
C GLU A 38 1.47 -11.24 -12.82
N THR A 39 1.24 -11.56 -14.10
CA THR A 39 1.41 -10.58 -15.17
C THR A 39 0.36 -9.47 -15.05
N GLN A 40 0.80 -8.24 -15.31
CA GLN A 40 -0.10 -7.10 -15.26
C GLN A 40 0.00 -6.29 -16.55
N GLU A 41 -1.16 -5.92 -17.07
CA GLU A 41 -1.22 -4.96 -18.15
C GLU A 41 -1.08 -3.56 -17.55
N GLN A 42 -0.04 -2.84 -17.98
CA GLN A 42 0.25 -1.52 -17.47
C GLN A 42 0.60 -0.58 -18.62
N LEU A 43 0.15 0.67 -18.54
CA LEU A 43 0.70 1.73 -19.37
C LEU A 43 2.00 2.22 -18.72
N GLN A 44 3.12 2.01 -19.41
CA GLN A 44 4.43 2.38 -18.87
C GLN A 44 5.24 3.27 -19.82
N TRP A 45 5.98 4.19 -19.23
CA TRP A 45 6.97 4.96 -19.97
C TRP A 45 8.20 4.11 -20.28
N ILE A 46 8.64 4.15 -21.54
CA ILE A 46 9.82 3.43 -22.03
C ILE A 46 10.76 4.45 -22.69
N TYR A 47 12.06 4.20 -22.61
CA TYR A 47 13.01 5.02 -23.36
C TYR A 47 13.21 4.43 -24.76
N ASP A 48 12.82 5.20 -25.77
CA ASP A 48 13.01 4.81 -27.17
C ASP A 48 14.38 5.30 -27.63
N GLU A 49 15.25 4.35 -27.97
CA GLU A 49 16.64 4.66 -28.35
C GLU A 49 16.76 5.24 -29.76
N GLU A 50 15.89 4.81 -30.66
CA GLU A 50 15.91 5.28 -32.05
C GLU A 50 15.46 6.74 -32.18
N THR A 51 14.60 7.19 -31.26
CA THR A 51 14.11 8.57 -31.27
C THR A 51 14.53 9.37 -30.02
N ASP A 52 15.35 8.74 -29.18
CA ASP A 52 15.98 9.38 -28.00
C ASP A 52 15.00 10.15 -27.09
N CYS A 53 13.87 9.52 -26.80
CA CYS A 53 12.86 10.15 -25.93
C CYS A 53 12.04 9.10 -25.18
N MSE A 54 11.29 9.56 -24.20
CA MSE A 54 10.34 8.72 -23.49
C MSE A 54 9.08 8.51 -24.34
O MSE A 54 8.59 9.45 -24.97
CB MSE A 54 9.95 9.35 -22.14
CG MSE A 54 11.08 9.43 -21.15
SE MSE A 54 11.84 7.69 -20.73
CE MSE A 54 12.94 8.22 -19.18
N ILE A 55 8.59 7.28 -24.35
CA ILE A 55 7.33 6.99 -25.02
C ILE A 55 6.46 6.11 -24.13
N GLU A 56 5.15 6.37 -24.15
CA GLU A 56 4.21 5.58 -23.36
C GLU A 56 3.74 4.36 -24.17
N LYS A 57 3.92 3.18 -23.60
CA LYS A 57 3.56 1.94 -24.27
C LYS A 57 2.75 1.03 -23.36
N ASN A 58 1.81 0.30 -23.95
CA ASN A 58 1.11 -0.74 -23.22
C ASN A 58 2.01 -1.95 -23.12
N VAL A 59 2.33 -2.35 -21.89
CA VAL A 59 3.25 -3.46 -21.66
C VAL A 59 2.62 -4.48 -20.74
N THR A 60 3.15 -5.69 -20.79
CA THR A 60 2.78 -6.73 -19.85
C THR A 60 4.03 -7.11 -19.07
N ILE A 61 4.01 -6.83 -17.77
CA ILE A 61 5.15 -7.14 -16.91
C ILE A 61 4.71 -7.75 -15.59
N VAL A 62 5.67 -8.38 -14.92
CA VAL A 62 5.44 -8.92 -13.59
C VAL A 62 6.05 -7.94 -12.59
N PRO A 63 5.20 -7.28 -11.80
CA PRO A 63 5.68 -6.21 -10.90
C PRO A 63 6.76 -6.67 -9.93
N GLY A 64 6.62 -7.88 -9.37
CA GLY A 64 7.61 -8.38 -8.44
C GLY A 64 9.02 -8.43 -9.02
N LEU A 65 9.12 -8.81 -10.29
CA LEU A 65 10.42 -8.91 -10.94
C LEU A 65 11.05 -7.54 -11.11
N PHE A 66 10.27 -6.60 -11.62
CA PHE A 66 10.69 -5.21 -11.73
C PHE A 66 11.16 -4.68 -10.37
N LYS A 67 10.39 -5.01 -9.33
CA LYS A 67 10.68 -4.53 -7.97
C LYS A 67 12.02 -5.03 -7.38
N ILE A 68 12.33 -6.31 -7.53
CA ILE A 68 13.58 -6.80 -6.97
C ILE A 68 14.79 -6.11 -7.60
N PHE A 69 14.68 -5.79 -8.88
CA PHE A 69 15.69 -4.98 -9.57
C PHE A 69 15.77 -3.57 -8.98
N ASP A 70 14.61 -2.91 -8.86
CA ASP A 70 14.49 -1.60 -8.21
C ASP A 70 15.14 -1.54 -6.80
N GLU A 71 14.95 -2.57 -5.98
CA GLU A 71 15.56 -2.58 -4.63
C GLU A 71 17.08 -2.43 -4.70
N ILE A 72 17.70 -3.14 -5.62
CA ILE A 72 19.16 -3.05 -5.80
C ILE A 72 19.58 -1.69 -6.36
N LEU A 73 18.82 -1.18 -7.33
CA LEU A 73 19.11 0.17 -7.88
C LEU A 73 19.04 1.23 -6.80
N VAL A 74 18.00 1.21 -5.99
CA VAL A 74 17.83 2.23 -4.96
C VAL A 74 18.91 2.11 -3.87
N ASN A 75 19.31 0.89 -3.55
CA ASN A 75 20.45 0.67 -2.66
C ASN A 75 21.73 1.35 -3.15
N ALA A 76 21.99 1.29 -4.46
CA ALA A 76 23.15 1.93 -5.04
C ALA A 76 23.03 3.45 -4.96
N ALA A 77 21.84 3.96 -5.26
CA ALA A 77 21.55 5.38 -5.12
C ALA A 77 21.74 5.84 -3.68
N ASP A 78 21.29 5.02 -2.73
CA ASP A 78 21.43 5.32 -1.31
C ASP A 78 22.90 5.51 -0.92
N ASN A 79 23.81 4.85 -1.62
CA ASN A 79 25.22 4.95 -1.30
C ASN A 79 25.81 6.33 -1.59
N LYS A 80 25.16 7.10 -2.45
CA LYS A 80 25.59 8.48 -2.72
C LYS A 80 25.31 9.40 -1.52
N VAL A 81 24.27 9.07 -0.74
CA VAL A 81 23.97 9.78 0.50
C VAL A 81 25.04 9.46 1.56
N ARG A 82 25.33 8.17 1.71
CA ARG A 82 26.41 7.65 2.56
C ARG A 82 27.80 8.22 2.18
N ASP A 83 28.09 8.27 0.88
CA ASP A 83 29.38 8.72 0.39
C ASP A 83 29.16 9.64 -0.83
N PRO A 84 29.09 10.95 -0.58
CA PRO A 84 28.91 11.93 -1.67
C PRO A 84 30.01 11.92 -2.74
N SER A 85 31.12 11.25 -2.48
CA SER A 85 32.20 11.15 -3.48
C SER A 85 31.93 10.10 -4.58
N MSE A 86 30.92 9.25 -4.35
CA MSE A 86 30.49 8.28 -5.37
C MSE A 86 30.18 8.99 -6.69
O MSE A 86 29.57 10.06 -6.71
CB MSE A 86 29.24 7.51 -4.91
CG MSE A 86 28.46 6.79 -6.04
SE MSE A 86 27.16 5.61 -5.23
CE MSE A 86 27.93 5.70 -3.62
N LYS A 87 30.63 8.38 -7.78
CA LYS A 87 30.50 9.00 -9.10
C LYS A 87 29.73 8.15 -10.14
N ARG A 88 29.66 6.84 -9.93
CA ARG A 88 29.31 5.96 -11.04
C ARG A 88 28.39 4.80 -10.64
N ILE A 89 27.37 4.58 -11.44
CA ILE A 89 26.56 3.36 -11.35
C ILE A 89 26.57 2.66 -12.69
N ASP A 90 26.89 1.36 -12.68
CA ASP A 90 26.79 0.51 -13.86
C ASP A 90 25.67 -0.47 -13.64
N VAL A 91 24.80 -0.56 -14.63
CA VAL A 91 23.78 -1.60 -14.66
C VAL A 91 23.97 -2.40 -15.92
N ASN A 92 24.26 -3.69 -15.78
CA ASN A 92 24.45 -4.55 -16.94
C ASN A 92 23.41 -5.66 -16.94
N ILE A 93 22.52 -5.62 -17.94
CA ILE A 93 21.51 -6.67 -18.11
C ILE A 93 21.95 -7.62 -19.21
N HIS A 94 22.21 -8.87 -18.84
CA HIS A 94 22.50 -9.88 -19.84
C HIS A 94 21.29 -10.76 -20.04
N ALA A 95 20.43 -10.33 -20.97
CA ALA A 95 19.10 -10.92 -21.15
C ALA A 95 19.16 -12.42 -21.41
N GLU A 96 20.00 -12.82 -22.36
CA GLU A 96 20.16 -14.23 -22.73
C GLU A 96 20.52 -15.10 -21.53
N GLU A 97 21.36 -14.56 -20.65
CA GLU A 97 21.79 -15.28 -19.45
C GLU A 97 20.93 -14.97 -18.23
N HIS A 98 19.84 -14.24 -18.44
CA HIS A 98 19.07 -13.54 -17.39
C HIS A 98 19.85 -13.20 -16.11
N THR A 99 20.99 -12.54 -16.29
CA THR A 99 21.78 -12.05 -15.18
C THR A 99 21.74 -10.54 -15.20
N ILE A 100 21.58 -9.95 -14.02
CA ILE A 100 21.55 -8.49 -13.87
C ILE A 100 22.62 -8.08 -12.87
N GLU A 101 23.45 -7.12 -13.27
CA GLU A 101 24.52 -6.64 -12.42
C GLU A 101 24.31 -5.15 -12.10
N VAL A 102 24.47 -4.78 -10.83
CA VAL A 102 24.46 -3.36 -10.43
C VAL A 102 25.71 -3.07 -9.63
N LYS A 103 26.53 -2.15 -10.13
CA LYS A 103 27.79 -1.83 -9.49
C LYS A 103 27.83 -0.34 -9.21
N ASN A 104 28.29 0.03 -8.02
CA ASN A 104 28.50 1.42 -7.68
C ASN A 104 29.88 1.60 -7.11
N ASP A 105 30.50 2.75 -7.37
CA ASP A 105 31.74 3.06 -6.69
C ASP A 105 31.46 3.84 -5.40
N GLY A 106 32.46 4.54 -4.88
CA GLY A 106 32.38 5.07 -3.53
C GLY A 106 32.54 3.97 -2.49
N LYS A 107 32.27 4.29 -1.23
CA LYS A 107 32.53 3.37 -0.11
C LYS A 107 31.82 2.03 -0.26
N GLY A 108 32.55 0.94 -0.02
CA GLY A 108 31.99 -0.40 -0.12
C GLY A 108 31.32 -0.82 1.17
N ILE A 109 31.02 -2.12 1.28
CA ILE A 109 30.50 -2.69 2.52
C ILE A 109 31.68 -3.06 3.41
N PRO A 110 31.63 -2.72 4.70
CA PRO A 110 32.71 -3.05 5.61
C PRO A 110 32.93 -4.56 5.69
N ILE A 111 34.16 -4.99 5.45
CA ILE A 111 34.51 -6.41 5.53
C ILE A 111 35.00 -6.68 6.95
N GLU A 112 34.05 -6.94 7.83
CA GLU A 112 34.29 -6.99 9.28
C GLU A 112 33.26 -7.91 9.92
N ILE A 113 33.70 -8.65 10.95
CA ILE A 113 32.77 -9.46 11.74
C ILE A 113 31.95 -8.55 12.63
N HIS A 114 30.63 -8.68 12.56
CA HIS A 114 29.73 -7.87 13.37
C HIS A 114 29.85 -8.28 14.84
N ASN A 115 29.96 -7.28 15.72
CA ASN A 115 30.24 -7.51 17.14
C ASN A 115 29.10 -8.19 17.90
N LYS A 116 27.88 -8.07 17.37
CA LYS A 116 26.72 -8.75 17.94
C LYS A 116 26.39 -10.05 17.23
N GLU A 117 26.26 -9.99 15.91
CA GLU A 117 25.77 -11.13 15.12
C GLU A 117 26.84 -12.17 14.84
N ASN A 118 28.11 -11.80 15.04
CA ASN A 118 29.25 -12.74 14.93
C ASN A 118 29.43 -13.36 13.53
N ILE A 119 28.99 -12.63 12.52
CA ILE A 119 29.22 -13.00 11.11
C ILE A 119 29.64 -11.74 10.35
N TYR A 120 30.25 -11.94 9.19
CA TYR A 120 30.68 -10.82 8.38
C TYR A 120 29.50 -9.95 8.01
N ILE A 121 29.73 -8.63 8.00
CA ILE A 121 28.65 -7.68 7.78
C ILE A 121 27.89 -7.90 6.45
N PRO A 122 28.59 -8.10 5.34
CA PRO A 122 27.89 -8.40 4.08
C PRO A 122 26.97 -9.63 4.19
N GLU A 123 27.43 -10.72 4.82
CA GLU A 123 26.58 -11.90 5.02
C GLU A 123 25.33 -11.54 5.81
N MSE A 124 25.51 -10.70 6.81
CA MSE A 124 24.43 -10.30 7.69
C MSE A 124 23.38 -9.50 6.93
O MSE A 124 22.19 -9.84 6.93
CB MSE A 124 24.99 -9.49 8.86
CG MSE A 124 23.99 -8.64 9.62
SE MSE A 124 24.91 -7.57 10.97
CE MSE A 124 23.35 -6.58 11.64
N ILE A 125 23.81 -8.43 6.25
CA ILE A 125 22.89 -7.46 5.69
C ILE A 125 22.37 -7.80 4.28
N PHE A 126 22.94 -8.85 3.67
CA PHE A 126 22.42 -9.36 2.40
C PHE A 126 21.77 -10.74 2.51
N GLY A 127 21.96 -11.41 3.65
CA GLY A 127 21.55 -12.80 3.82
C GLY A 127 20.62 -13.08 5.00
N HIS A 128 20.26 -12.03 5.74
CA HIS A 128 19.30 -12.14 6.85
C HIS A 128 18.25 -11.05 6.77
N LEU A 129 16.98 -11.44 6.93
CA LEU A 129 15.88 -10.49 6.93
C LEU A 129 16.01 -9.52 8.09
N LEU A 130 15.49 -8.31 7.91
CA LEU A 130 15.38 -7.32 8.98
C LEU A 130 16.76 -6.85 9.47
N THR A 131 17.61 -6.52 8.51
CA THR A 131 18.95 -6.00 8.76
C THR A 131 19.13 -4.73 7.96
N SER A 132 19.63 -3.69 8.62
CA SER A 132 19.66 -2.35 8.03
C SER A 132 20.60 -1.41 8.76
N SER A 133 21.11 -0.41 8.04
CA SER A 133 21.73 0.74 8.67
C SER A 133 20.73 1.89 8.89
N ASN A 134 19.45 1.64 8.59
CA ASN A 134 18.42 2.66 8.65
C ASN A 134 17.40 2.52 9.78
N TYR A 135 17.77 1.84 10.85
CA TYR A 135 16.85 1.57 11.96
C TYR A 135 16.92 2.60 13.10
N ASP A 136 17.86 3.53 13.02
CA ASP A 136 17.98 4.59 14.02
C ASP A 136 17.41 5.90 13.46
N ASP A 137 16.14 6.17 13.77
CA ASP A 137 15.48 7.35 13.23
C ASP A 137 15.76 8.61 14.02
N ASP A 138 16.63 8.52 15.04
CA ASP A 138 17.15 9.70 15.71
C ASP A 138 17.99 10.51 14.74
N GLU A 139 18.60 9.84 13.77
CA GLU A 139 19.22 10.54 12.65
C GLU A 139 18.21 10.74 11.55
N LYS A 140 18.14 11.97 11.05
CA LYS A 140 17.23 12.29 9.94
C LYS A 140 17.96 12.03 8.64
N LYS A 141 17.59 10.95 7.97
CA LYS A 141 18.28 10.55 6.75
C LYS A 141 17.40 10.75 5.52
N VAL A 142 18.05 10.99 4.39
CA VAL A 142 17.33 11.09 3.12
C VAL A 142 17.65 9.92 2.18
N THR A 143 18.05 8.79 2.77
CA THR A 143 18.14 7.52 2.05
C THR A 143 16.75 7.01 1.71
N GLY A 144 16.69 6.21 0.66
CA GLY A 144 15.46 5.51 0.30
C GLY A 144 15.23 4.30 1.20
N GLY A 145 16.30 3.66 1.64
CA GLY A 145 16.21 2.48 2.48
C GLY A 145 15.60 2.76 3.85
N ARG A 146 14.70 1.90 4.29
CA ARG A 146 13.95 2.13 5.53
C ARG A 146 13.76 0.87 6.38
N ASN A 147 13.47 -0.26 5.74
CA ASN A 147 12.97 -1.43 6.47
C ASN A 147 13.90 -2.60 6.67
N GLY A 148 14.97 -2.66 5.90
CA GLY A 148 15.92 -3.76 6.00
C GLY A 148 15.46 -5.04 5.35
N TYR A 149 14.68 -4.91 4.26
CA TYR A 149 14.18 -6.05 3.49
C TYR A 149 14.76 -6.11 2.07
N GLY A 150 14.90 -4.95 1.45
CA GLY A 150 15.09 -4.84 0.00
C GLY A 150 16.07 -5.80 -0.66
N ALA A 151 17.31 -5.82 -0.15
CA ALA A 151 18.38 -6.66 -0.70
C ALA A 151 18.06 -8.16 -0.51
N LYS A 152 17.44 -8.48 0.62
CA LYS A 152 17.09 -9.87 0.92
C LYS A 152 15.93 -10.33 0.07
N LEU A 153 14.98 -9.44 -0.19
CA LEU A 153 13.88 -9.77 -1.09
C LEU A 153 14.40 -10.14 -2.48
N CYS A 154 15.36 -9.36 -2.98
CA CYS A 154 16.00 -9.69 -4.26
C CYS A 154 16.64 -11.08 -4.21
N ASN A 155 17.44 -11.31 -3.17
CA ASN A 155 18.10 -12.60 -2.92
C ASN A 155 17.09 -13.76 -2.86
N ILE A 156 16.04 -13.58 -2.06
CA ILE A 156 14.98 -14.58 -1.90
C ILE A 156 14.32 -14.91 -3.24
N PHE A 157 14.18 -13.93 -4.12
CA PHE A 157 13.58 -14.19 -5.43
C PHE A 157 14.60 -14.38 -6.55
N SER A 158 15.82 -14.76 -6.17
CA SER A 158 16.87 -15.09 -7.13
C SER A 158 17.32 -16.56 -7.00
N THR A 159 17.62 -17.19 -8.14
CA THR A 159 18.28 -18.50 -8.14
C THR A 159 19.75 -18.38 -7.77
N GLU A 160 20.33 -17.21 -7.99
CA GLU A 160 21.71 -16.94 -7.67
C GLU A 160 21.87 -15.46 -7.37
N PHE A 161 22.60 -15.15 -6.31
CA PHE A 161 22.75 -13.77 -5.87
C PHE A 161 24.17 -13.63 -5.35
N ILE A 162 24.95 -12.72 -5.95
CA ILE A 162 26.34 -12.56 -5.58
C ILE A 162 26.60 -11.13 -5.11
N LEU A 163 27.15 -11.00 -3.91
CA LEU A 163 27.66 -9.72 -3.44
C LEU A 163 29.17 -9.71 -3.57
N GLU A 164 29.69 -8.69 -4.23
CA GLU A 164 31.12 -8.46 -4.26
C GLU A 164 31.39 -7.04 -3.77
N THR A 165 32.38 -6.90 -2.90
CA THR A 165 32.74 -5.57 -2.42
C THR A 165 34.21 -5.46 -2.06
N ALA A 166 34.75 -4.23 -2.09
CA ALA A 166 36.12 -3.98 -1.68
C ALA A 166 36.14 -2.89 -0.61
N ASP A 167 36.93 -3.13 0.43
CA ASP A 167 36.97 -2.31 1.62
C ASP A 167 38.41 -1.90 1.88
N LEU A 168 38.69 -0.60 1.72
CA LEU A 168 40.05 -0.08 1.74
C LEU A 168 40.61 0.10 3.16
N ASN A 169 39.72 0.09 4.15
CA ASN A 169 40.10 0.15 5.56
C ASN A 169 40.84 -1.12 6.00
N VAL A 170 40.37 -2.29 5.53
CA VAL A 170 41.06 -3.55 5.81
C VAL A 170 41.90 -4.03 4.61
N GLY A 171 41.68 -3.40 3.45
CA GLY A 171 42.42 -3.75 2.26
C GLY A 171 42.10 -5.15 1.79
N GLN A 172 40.80 -5.43 1.70
CA GLN A 172 40.34 -6.75 1.30
C GLN A 172 39.20 -6.66 0.28
N LYS A 173 39.03 -7.74 -0.48
CA LYS A 173 37.92 -7.92 -1.37
C LYS A 173 37.08 -9.10 -0.86
N TYR A 174 35.76 -9.02 -1.03
CA TYR A 174 34.83 -9.99 -0.44
C TYR A 174 33.83 -10.39 -1.50
N VAL A 175 33.73 -11.69 -1.78
CA VAL A 175 32.79 -12.19 -2.76
C VAL A 175 31.98 -13.31 -2.11
N GLN A 176 30.67 -13.15 -2.09
CA GLN A 176 29.81 -14.16 -1.47
C GLN A 176 28.62 -14.49 -2.35
N LYS A 177 28.38 -15.79 -2.55
CA LYS A 177 27.31 -16.26 -3.41
C LYS A 177 26.22 -16.96 -2.62
N TRP A 178 24.97 -16.55 -2.84
CA TRP A 178 23.80 -17.28 -2.38
C TRP A 178 23.13 -17.95 -3.57
N GLU A 179 22.45 -19.08 -3.33
CA GLU A 179 21.70 -19.77 -4.36
C GLU A 179 20.33 -20.22 -3.84
N ASN A 180 19.42 -20.53 -4.77
CA ASN A 180 18.13 -21.12 -4.43
C ASN A 180 17.37 -20.30 -3.40
N ASN A 181 16.99 -19.09 -3.80
CA ASN A 181 16.13 -18.23 -2.99
C ASN A 181 16.72 -17.94 -1.61
N MSE A 182 18.02 -17.66 -1.59
CA MSE A 182 18.76 -17.35 -0.35
C MSE A 182 18.96 -18.56 0.60
O MSE A 182 19.61 -18.42 1.64
CB MSE A 182 18.14 -16.14 0.39
CG MSE A 182 19.10 -15.42 1.37
SE MSE A 182 18.39 -13.70 2.01
CE MSE A 182 17.02 -14.43 3.19
N SER A 183 18.44 -19.72 0.23
CA SER A 183 18.51 -20.89 1.11
C SER A 183 19.91 -21.48 1.21
N ILE A 184 20.73 -21.23 0.20
CA ILE A 184 22.11 -21.69 0.15
C ILE A 184 23.02 -20.49 0.30
N CYS A 185 23.82 -20.49 1.35
CA CYS A 185 24.73 -19.39 1.60
C CYS A 185 26.14 -19.95 1.66
N HIS A 186 26.90 -19.70 0.61
CA HIS A 186 28.29 -20.14 0.56
C HIS A 186 29.17 -19.19 1.37
N PRO A 187 30.20 -19.72 2.03
CA PRO A 187 31.16 -18.91 2.76
C PRO A 187 31.80 -17.89 1.82
N PRO A 188 32.09 -16.69 2.31
CA PRO A 188 32.71 -15.66 1.48
C PRO A 188 34.13 -16.02 1.06
N LYS A 189 34.52 -15.58 -0.14
CA LYS A 189 35.91 -15.62 -0.52
C LYS A 189 36.49 -14.23 -0.24
N ILE A 190 37.47 -14.18 0.64
CA ILE A 190 38.05 -12.91 1.04
C ILE A 190 39.52 -12.90 0.64
N THR A 191 39.91 -11.90 -0.15
CA THR A 191 41.27 -11.83 -0.69
C THR A 191 41.90 -10.48 -0.42
N SER A 192 43.23 -10.43 -0.42
CA SER A 192 43.96 -9.17 -0.32
C SER A 192 43.62 -8.27 -1.50
N TYR A 193 43.31 -7.00 -1.21
CA TYR A 193 42.94 -6.04 -2.24
C TYR A 193 43.69 -4.76 -1.95
N LYS A 194 44.74 -4.51 -2.71
CA LYS A 194 45.55 -3.31 -2.51
C LYS A 194 45.56 -2.48 -3.78
N LYS A 195 45.66 -1.17 -3.60
CA LYS A 195 45.86 -0.24 -4.72
C LYS A 195 44.73 -0.32 -5.75
N GLY A 196 43.49 -0.30 -5.26
CA GLY A 196 42.33 -0.20 -6.12
C GLY A 196 41.18 0.53 -5.43
N PRO A 197 40.16 0.90 -6.20
CA PRO A 197 39.00 1.63 -5.66
C PRO A 197 38.05 0.75 -4.85
N SER A 198 37.33 1.37 -3.94
CA SER A 198 36.24 0.67 -3.29
C SER A 198 35.03 0.66 -4.22
N TYR A 199 34.17 -0.34 -4.03
CA TYR A 199 32.98 -0.49 -4.83
C TYR A 199 32.13 -1.60 -4.23
N THR A 200 30.91 -1.70 -4.73
CA THR A 200 30.02 -2.82 -4.44
C THR A 200 29.37 -3.23 -5.74
N LYS A 201 29.36 -4.53 -6.00
CA LYS A 201 28.71 -5.06 -7.19
C LYS A 201 27.76 -6.17 -6.77
N VAL A 202 26.48 -6.03 -7.13
CA VAL A 202 25.48 -7.06 -6.89
C VAL A 202 25.12 -7.70 -8.20
N THR A 203 25.22 -9.02 -8.26
CA THR A 203 24.86 -9.76 -9.45
C THR A 203 23.79 -10.78 -9.11
N PHE A 204 22.65 -10.71 -9.78
CA PHE A 204 21.59 -11.67 -9.49
C PHE A 204 20.94 -12.26 -10.73
N LYS A 205 20.51 -13.51 -10.59
CA LYS A 205 19.73 -14.18 -11.60
C LYS A 205 18.35 -14.40 -11.01
N PRO A 206 17.36 -13.63 -11.46
CA PRO A 206 16.01 -13.72 -10.88
C PRO A 206 15.45 -15.11 -11.09
N ASP A 207 14.75 -15.61 -10.07
CA ASP A 207 14.06 -16.90 -10.16
C ASP A 207 12.84 -16.72 -11.06
N LEU A 208 13.06 -16.88 -12.36
CA LEU A 208 12.00 -16.62 -13.32
C LEU A 208 10.82 -17.57 -13.21
N THR A 209 11.05 -18.79 -12.71
CA THR A 209 9.94 -19.72 -12.48
C THR A 209 8.92 -19.13 -11.51
N ARG A 210 9.41 -18.45 -10.47
CA ARG A 210 8.52 -17.84 -9.47
C ARG A 210 7.77 -16.62 -10.00
N PHE A 211 8.22 -16.08 -11.13
CA PHE A 211 7.57 -14.96 -11.80
C PHE A 211 6.78 -15.39 -13.03
N GLY A 212 6.66 -16.69 -13.24
CA GLY A 212 5.90 -17.24 -14.35
C GLY A 212 6.50 -16.95 -15.72
N MSE A 213 7.83 -16.84 -15.77
CA MSE A 213 8.53 -16.48 -17.00
C MSE A 213 9.59 -17.50 -17.37
O MSE A 213 10.10 -18.22 -16.52
CB MSE A 213 9.15 -15.10 -16.86
CG MSE A 213 8.12 -13.98 -16.73
SE MSE A 213 8.95 -12.43 -15.99
CE MSE A 213 9.94 -11.86 -17.52
N LYS A 214 9.92 -17.55 -18.66
CA LYS A 214 11.02 -18.37 -19.15
C LYS A 214 12.24 -17.50 -19.49
N GLU A 215 11.99 -16.25 -19.85
CA GLU A 215 13.04 -15.32 -20.26
C GLU A 215 12.65 -13.86 -20.00
N LEU A 216 13.63 -12.97 -20.04
CA LEU A 216 13.37 -11.54 -19.93
C LEU A 216 12.98 -10.96 -21.29
N ASP A 217 11.68 -10.72 -21.49
CA ASP A 217 11.19 -10.24 -22.78
C ASP A 217 11.36 -8.73 -22.90
N ASN A 218 10.98 -8.18 -24.05
CA ASN A 218 11.23 -6.77 -24.35
C ASN A 218 10.52 -5.80 -23.41
N ASP A 219 9.35 -6.20 -22.92
CA ASP A 219 8.54 -5.37 -22.03
C ASP A 219 9.22 -5.12 -20.69
N ILE A 220 9.66 -6.18 -20.01
CA ILE A 220 10.38 -6.00 -18.75
C ILE A 220 11.74 -5.30 -18.94
N LEU A 221 12.44 -5.64 -20.02
CA LEU A 221 13.73 -5.01 -20.32
C LEU A 221 13.56 -3.51 -20.55
N GLY A 222 12.50 -3.13 -21.27
CA GLY A 222 12.21 -1.73 -21.53
C GLY A 222 11.96 -0.95 -20.25
N VAL A 223 11.20 -1.55 -19.34
CA VAL A 223 10.82 -0.88 -18.10
C VAL A 223 12.01 -0.81 -17.14
N MSE A 224 12.80 -1.87 -17.10
CA MSE A 224 14.02 -1.89 -16.30
C MSE A 224 14.99 -0.81 -16.77
O MSE A 224 15.54 -0.08 -15.95
CB MSE A 224 14.70 -3.26 -16.36
CG MSE A 224 14.03 -4.32 -15.52
SE MSE A 224 14.93 -6.00 -15.81
CE MSE A 224 15.80 -6.07 -14.26
N ARG A 225 15.19 -0.73 -18.08
CA ARG A 225 16.11 0.25 -18.65
C ARG A 225 15.65 1.68 -18.33
N ARG A 226 14.35 1.95 -18.48
CA ARG A 226 13.82 3.27 -18.13
C ARG A 226 14.07 3.60 -16.65
N ARG A 227 13.93 2.61 -15.78
CA ARG A 227 14.15 2.84 -14.36
C ARG A 227 15.60 3.29 -14.09
N VAL A 228 16.52 2.85 -14.93
CA VAL A 228 17.92 3.25 -14.80
C VAL A 228 18.09 4.72 -15.21
N TYR A 229 17.37 5.15 -16.25
CA TYR A 229 17.27 6.57 -16.57
C TYR A 229 16.72 7.39 -15.38
N ASP A 230 15.67 6.89 -14.71
CA ASP A 230 15.14 7.53 -13.50
C ASP A 230 16.24 7.83 -12.49
N ILE A 231 17.06 6.81 -12.22
CA ILE A 231 18.13 6.91 -11.23
C ILE A 231 19.09 8.04 -11.61
N ASN A 232 19.52 8.06 -12.86
CA ASN A 232 20.36 9.15 -13.38
C ASN A 232 19.69 10.52 -13.24
N GLY A 233 18.38 10.55 -13.49
CA GLY A 233 17.61 11.77 -13.37
C GLY A 233 17.43 12.25 -11.95
N SER A 234 17.26 11.32 -11.02
CA SER A 234 16.91 11.67 -9.62
C SER A 234 18.12 11.87 -8.70
N VAL A 235 19.19 11.11 -8.92
CA VAL A 235 20.38 11.19 -8.07
C VAL A 235 21.27 12.30 -8.58
N ARG A 236 21.61 13.22 -7.69
CA ARG A 236 22.49 14.32 -8.03
C ARG A 236 23.94 13.85 -8.24
N ASP A 237 24.61 14.42 -9.24
CA ASP A 237 26.06 14.33 -9.41
C ASP A 237 26.60 12.91 -9.59
N ILE A 238 25.90 12.08 -10.34
CA ILE A 238 26.41 10.76 -10.67
C ILE A 238 26.38 10.50 -12.18
N ASN A 239 27.13 9.50 -12.60
CA ASN A 239 27.14 9.08 -13.98
C ASN A 239 26.67 7.65 -14.05
N VAL A 240 25.65 7.41 -14.85
CA VAL A 240 25.03 6.10 -14.90
C VAL A 240 25.22 5.48 -16.27
N TYR A 241 25.47 4.18 -16.27
CA TYR A 241 25.75 3.42 -17.49
C TYR A 241 24.84 2.22 -17.59
N LEU A 242 24.41 1.93 -18.82
CA LEU A 242 23.58 0.77 -19.08
C LEU A 242 24.31 -0.09 -20.12
N ASN A 243 24.75 -1.27 -19.70
CA ASN A 243 25.61 -2.13 -20.52
C ASN A 243 26.82 -1.38 -21.12
N GLY A 244 27.45 -0.54 -20.30
CA GLY A 244 28.65 0.18 -20.70
C GLY A 244 28.40 1.51 -21.41
N LYS A 245 27.13 1.80 -21.68
CA LYS A 245 26.76 2.98 -22.46
C LYS A 245 26.26 4.08 -21.54
N SER A 246 26.89 5.26 -21.62
CA SER A 246 26.48 6.41 -20.82
C SER A 246 25.05 6.82 -21.12
N LEU A 247 24.27 7.07 -20.07
CA LEU A 247 22.89 7.54 -20.24
C LEU A 247 22.79 9.03 -20.53
N LYS A 248 23.93 9.71 -20.46
CA LYS A 248 24.09 11.09 -20.97
C LYS A 248 23.45 12.16 -20.09
N ILE A 249 22.27 11.89 -19.55
CA ILE A 249 21.59 12.88 -18.71
C ILE A 249 22.36 13.10 -17.42
N ARG A 250 22.34 14.34 -16.93
CA ARG A 250 23.19 14.72 -15.81
C ARG A 250 22.38 15.15 -14.60
N ASN A 251 21.12 15.52 -14.82
CA ASN A 251 20.26 16.05 -13.76
C ASN A 251 18.77 15.87 -14.06
N PHE A 252 17.91 16.31 -13.14
CA PHE A 252 16.45 16.13 -13.27
C PHE A 252 15.81 16.91 -14.41
N LYS A 253 16.33 18.11 -14.71
CA LYS A 253 15.86 18.87 -15.87
C LYS A 253 16.09 18.09 -17.17
N ASN A 254 17.31 17.59 -17.35
CA ASN A 254 17.64 16.70 -18.47
C ASN A 254 16.66 15.52 -18.55
N TYR A 255 16.43 14.88 -17.41
CA TYR A 255 15.52 13.75 -17.32
C TYR A 255 14.12 14.12 -17.82
N VAL A 256 13.56 15.19 -17.26
CA VAL A 256 12.21 15.62 -17.65
C VAL A 256 12.12 15.97 -19.14
N GLU A 257 13.21 16.49 -19.69
CA GLU A 257 13.32 16.84 -21.11
C GLU A 257 13.18 15.63 -22.03
N LEU A 258 13.47 14.44 -21.51
CA LEU A 258 13.28 13.20 -22.27
C LEU A 258 11.81 12.96 -22.62
N TYR A 259 10.91 13.57 -21.84
CA TYR A 259 9.47 13.44 -22.05
C TYR A 259 8.93 14.48 -23.04
N LEU A 260 9.79 15.39 -23.50
CA LEU A 260 9.37 16.56 -24.29
C LEU A 260 8.59 16.19 -25.55
N LYS A 261 9.13 15.25 -26.32
CA LYS A 261 8.54 14.85 -27.59
C LYS A 261 7.14 14.25 -27.43
N SER A 262 6.92 13.54 -26.32
CA SER A 262 5.61 12.98 -26.00
C SER A 262 4.62 14.04 -25.54
N LEU A 263 5.09 14.97 -24.71
CA LEU A 263 4.26 16.07 -24.20
C LEU A 263 3.98 17.07 -25.30
N ILE A 281 6.04 30.13 -25.38
CA ILE A 281 5.91 29.48 -24.08
C ILE A 281 6.32 28.01 -24.14
N PRO A 282 7.21 27.60 -23.23
CA PRO A 282 7.83 26.27 -23.29
C PRO A 282 6.85 25.16 -22.94
N THR A 283 7.04 23.99 -23.55
CA THR A 283 6.26 22.80 -23.23
C THR A 283 6.48 22.36 -21.78
N ILE A 284 7.74 22.36 -21.36
CA ILE A 284 8.08 22.01 -19.99
C ILE A 284 8.66 23.20 -19.23
N LEU A 285 8.13 23.42 -18.03
CA LEU A 285 8.57 24.48 -17.15
C LEU A 285 9.19 23.82 -15.93
N TYR A 286 10.49 24.03 -15.72
CA TYR A 286 11.23 23.41 -14.63
C TYR A 286 11.75 24.45 -13.65
N GLU A 287 11.74 24.11 -12.36
CA GLU A 287 12.45 24.91 -11.36
C GLU A 287 12.93 24.12 -10.16
N ARG A 288 14.20 24.34 -9.79
CA ARG A 288 14.67 23.92 -8.49
C ARG A 288 14.18 24.96 -7.48
N ILE A 289 13.35 24.52 -6.56
CA ILE A 289 12.77 25.41 -5.54
C ILE A 289 13.76 25.58 -4.40
N ASN A 290 14.36 24.46 -3.97
CA ASN A 290 15.48 24.48 -3.03
C ASN A 290 16.34 23.21 -3.19
N ASN A 291 17.26 22.99 -2.27
CA ASN A 291 18.19 21.86 -2.37
C ASN A 291 17.55 20.48 -2.20
N ARG A 292 16.28 20.45 -1.81
CA ARG A 292 15.55 19.19 -1.61
C ARG A 292 14.32 19.02 -2.50
N TRP A 293 14.01 20.03 -3.31
CA TRP A 293 12.81 20.02 -4.15
C TRP A 293 13.04 20.58 -5.55
N GLU A 294 12.73 19.76 -6.55
CA GLU A 294 12.64 20.22 -7.94
C GLU A 294 11.26 19.87 -8.48
N VAL A 295 10.68 20.80 -9.23
CA VAL A 295 9.35 20.60 -9.79
C VAL A 295 9.38 20.99 -11.26
N ALA A 296 8.73 20.19 -12.10
CA ALA A 296 8.48 20.56 -13.48
C ALA A 296 7.01 20.40 -13.81
N PHE A 297 6.54 21.19 -14.76
CA PHE A 297 5.13 21.21 -15.12
C PHE A 297 4.95 21.18 -16.63
N ALA A 298 3.99 20.38 -17.08
CA ALA A 298 3.51 20.43 -18.45
C ALA A 298 2.00 20.31 -18.45
N VAL A 299 1.37 20.74 -19.55
CA VAL A 299 -0.06 20.59 -19.71
C VAL A 299 -0.38 19.16 -20.12
N SER A 300 -1.28 18.51 -19.38
CA SER A 300 -1.65 17.13 -19.66
C SER A 300 -2.74 17.05 -20.72
N ASP A 301 -2.71 15.98 -21.50
CA ASP A 301 -3.57 15.85 -22.65
C ASP A 301 -4.95 15.29 -22.30
N ILE A 302 -5.02 14.41 -21.29
CA ILE A 302 -6.25 13.65 -21.01
C ILE A 302 -6.73 13.78 -19.56
N SER A 303 -5.79 13.71 -18.63
CA SER A 303 -6.11 13.74 -17.20
C SER A 303 -4.85 14.02 -16.37
N PHE A 304 -5.01 14.13 -15.05
CA PHE A 304 -3.87 14.37 -14.17
C PHE A 304 -2.81 13.28 -14.33
N GLN A 305 -1.56 13.71 -14.46
CA GLN A 305 -0.44 12.79 -14.59
C GLN A 305 0.66 13.26 -13.65
N GLN A 306 1.37 12.30 -13.05
CA GLN A 306 2.49 12.64 -12.19
C GLN A 306 3.64 11.66 -12.36
N ILE A 307 4.85 12.20 -12.39
CA ILE A 307 6.05 11.38 -12.23
C ILE A 307 6.84 11.97 -11.09
N SER A 308 7.08 11.17 -10.06
CA SER A 308 7.64 11.70 -8.82
C SER A 308 8.63 10.73 -8.19
N PHE A 309 9.59 11.28 -7.47
CA PHE A 309 10.63 10.51 -6.80
C PHE A 309 10.83 11.03 -5.38
N VAL A 310 10.88 10.10 -4.44
CA VAL A 310 11.24 10.40 -3.07
C VAL A 310 12.53 9.66 -2.77
N ASN A 311 13.60 10.41 -2.52
CA ASN A 311 14.90 9.78 -2.20
C ASN A 311 15.28 8.74 -3.25
N SER A 312 14.97 9.06 -4.50
CA SER A 312 15.22 8.21 -5.67
C SER A 312 14.28 7.02 -5.83
N ILE A 313 13.33 6.87 -4.92
CA ILE A 313 12.28 5.86 -5.06
C ILE A 313 11.23 6.40 -6.04
N ALA A 314 10.81 5.58 -6.99
CA ALA A 314 9.72 5.98 -7.90
C ALA A 314 8.36 5.82 -7.21
N THR A 315 7.75 6.94 -6.83
CA THR A 315 6.45 6.90 -6.15
C THR A 315 5.34 6.95 -7.17
N THR A 316 5.12 5.81 -7.81
CA THR A 316 4.19 5.72 -8.94
C THR A 316 2.72 5.84 -8.50
N MSE A 317 2.47 5.68 -7.20
CA MSE A 317 1.12 5.89 -6.67
C MSE A 317 1.03 7.21 -5.87
O MSE A 317 0.10 7.42 -5.10
CB MSE A 317 0.68 4.69 -5.82
CG MSE A 317 0.48 3.41 -6.58
SE MSE A 317 -0.45 2.09 -5.45
CE MSE A 317 -1.85 3.22 -4.85
N GLY A 318 2.03 8.07 -6.09
CA GLY A 318 2.02 9.43 -5.56
C GLY A 318 2.12 9.48 -4.06
N GLY A 319 1.22 10.23 -3.44
CA GLY A 319 1.19 10.35 -2.00
C GLY A 319 1.27 11.79 -1.54
N THR A 320 1.68 11.97 -0.29
CA THR A 320 1.56 13.27 0.39
C THR A 320 2.40 14.38 -0.26
N HIS A 321 3.58 14.02 -0.76
CA HIS A 321 4.43 14.98 -1.48
C HIS A 321 3.80 15.49 -2.77
N VAL A 322 3.20 14.59 -3.55
CA VAL A 322 2.52 14.96 -4.78
C VAL A 322 1.32 15.87 -4.45
N ASN A 323 0.53 15.46 -3.46
CA ASN A 323 -0.65 16.23 -3.06
C ASN A 323 -0.26 17.62 -2.56
N TYR A 324 0.79 17.67 -1.75
CA TYR A 324 1.38 18.92 -1.26
C TYR A 324 1.66 19.92 -2.38
N ILE A 325 2.31 19.45 -3.44
CA ILE A 325 2.67 20.31 -4.57
C ILE A 325 1.44 20.66 -5.40
N THR A 326 0.64 19.66 -5.77
CA THR A 326 -0.51 19.90 -6.65
C THR A 326 -1.61 20.71 -5.98
N ASP A 327 -1.88 20.45 -4.70
CA ASP A 327 -2.88 21.25 -3.96
C ASP A 327 -2.53 22.73 -4.02
N GLN A 328 -1.25 23.05 -3.81
CA GLN A 328 -0.76 24.44 -3.86
C GLN A 328 -1.03 25.08 -5.22
N ILE A 329 -0.62 24.38 -6.27
CA ILE A 329 -0.75 24.91 -7.62
C ILE A 329 -2.22 25.11 -7.96
N VAL A 330 -3.04 24.11 -7.61
CA VAL A 330 -4.48 24.18 -7.85
C VAL A 330 -5.13 25.36 -7.10
N LYS A 331 -4.78 25.49 -5.83
CA LYS A 331 -5.34 26.54 -4.97
C LYS A 331 -4.97 27.92 -5.50
N LYS A 332 -3.72 28.07 -5.94
CA LYS A 332 -3.21 29.34 -6.45
C LYS A 332 -3.83 29.70 -7.81
N ILE A 333 -4.01 28.69 -8.67
CA ILE A 333 -4.70 28.90 -9.94
C ILE A 333 -6.17 29.27 -9.73
N SER A 334 -6.85 28.50 -8.88
CA SER A 334 -8.25 28.73 -8.57
C SER A 334 -8.51 30.16 -8.08
N GLU A 335 -7.62 30.65 -7.22
CA GLU A 335 -7.71 32.00 -6.65
C GLU A 335 -7.56 33.08 -7.72
N ILE A 336 -6.73 32.82 -8.73
CA ILE A 336 -6.54 33.75 -9.84
C ILE A 336 -7.71 33.66 -10.85
N LEU A 337 -8.18 32.44 -11.11
CA LEU A 337 -9.32 32.21 -11.99
C LEU A 337 -10.56 32.99 -11.53
N LYS A 338 -10.82 32.94 -10.22
CA LYS A 338 -11.89 33.73 -9.64
C LYS A 338 -11.32 35.01 -9.04
N LYS A 339 -11.13 36.01 -9.90
CA LYS A 339 -10.62 37.32 -9.48
C LYS A 339 -11.32 38.42 -10.26
N VAL A 345 -14.35 27.61 -11.03
CA VAL A 345 -14.27 26.26 -11.57
C VAL A 345 -13.85 25.25 -10.51
N LYS A 346 -14.21 23.99 -10.69
CA LYS A 346 -13.91 22.96 -9.70
C LYS A 346 -12.43 22.60 -9.71
N SER A 347 -11.90 22.27 -8.54
CA SER A 347 -10.49 21.97 -8.39
C SER A 347 -10.01 20.82 -9.26
N PHE A 348 -10.85 19.79 -9.41
CA PHE A 348 -10.46 18.63 -10.24
C PHE A 348 -10.25 18.97 -11.72
N GLN A 349 -10.94 20.00 -12.19
CA GLN A 349 -10.79 20.49 -13.57
C GLN A 349 -9.41 21.08 -13.82
N ILE A 350 -8.90 21.82 -12.84
CA ILE A 350 -7.54 22.35 -12.92
C ILE A 350 -6.54 21.21 -12.80
N LYS A 351 -6.70 20.41 -11.76
CA LYS A 351 -5.79 19.29 -11.50
C LYS A 351 -5.58 18.42 -12.74
N ASN A 352 -6.67 18.07 -13.40
CA ASN A 352 -6.62 17.10 -14.49
C ASN A 352 -6.13 17.64 -15.83
N ASN A 353 -5.70 18.90 -15.85
CA ASN A 353 -5.00 19.44 -17.01
C ASN A 353 -3.51 19.61 -16.72
N MSE A 354 -3.05 18.98 -15.65
CA MSE A 354 -1.66 19.10 -15.20
C MSE A 354 -0.86 17.81 -15.36
O MSE A 354 -1.34 16.73 -15.03
CB MSE A 354 -1.64 19.49 -13.72
CG MSE A 354 -2.36 20.76 -13.35
SE MSE A 354 -2.15 21.06 -11.41
CE MSE A 354 -0.21 20.55 -11.27
N PHE A 355 0.37 17.96 -15.82
CA PHE A 355 1.36 16.91 -15.74
C PHE A 355 2.47 17.42 -14.82
N ILE A 356 2.58 16.84 -13.63
CA ILE A 356 3.58 17.26 -12.66
C ILE A 356 4.74 16.27 -12.52
N PHE A 357 5.96 16.82 -12.50
CA PHE A 357 7.18 16.08 -12.24
C PHE A 357 7.79 16.59 -10.92
N ILE A 358 8.10 15.68 -10.00
CA ILE A 358 8.67 16.05 -8.71
C ILE A 358 9.87 15.18 -8.35
N ASN A 359 10.97 15.82 -7.99
CA ASN A 359 12.11 15.13 -7.42
C ASN A 359 12.40 15.71 -6.06
N CYS A 360 12.19 14.93 -5.00
CA CYS A 360 12.33 15.48 -3.65
C CYS A 360 13.12 14.59 -2.70
N LEU A 361 13.59 15.20 -1.62
CA LEU A 361 14.27 14.48 -0.56
C LEU A 361 13.44 14.66 0.71
N ILE A 362 13.05 13.52 1.30
CA ILE A 362 12.18 13.47 2.47
C ILE A 362 12.89 12.74 3.62
N GLU A 363 12.82 13.31 4.82
CA GLU A 363 13.45 12.70 5.98
C GLU A 363 12.65 11.49 6.47
N ASN A 364 13.36 10.38 6.67
CA ASN A 364 12.80 9.14 7.21
C ASN A 364 11.38 8.85 6.75
N PRO A 365 11.19 8.72 5.43
CA PRO A 365 9.83 8.63 4.87
C PRO A 365 9.12 7.36 5.27
N ALA A 366 7.80 7.43 5.27
CA ALA A 366 6.95 6.26 5.49
C ALA A 366 6.06 6.09 4.27
N PHE A 367 5.74 4.83 3.97
CA PHE A 367 5.00 4.47 2.77
C PHE A 367 3.90 3.48 3.12
N THR A 368 2.95 3.29 2.22
CA THR A 368 1.89 2.29 2.44
C THR A 368 2.44 0.86 2.53
N SER A 369 3.50 0.57 1.79
CA SER A 369 4.07 -0.78 1.78
C SER A 369 5.57 -0.81 1.54
N GLN A 370 6.14 -2.01 1.63
CA GLN A 370 7.56 -2.22 1.29
C GLN A 370 7.90 -1.76 -0.13
N THR A 371 6.93 -1.82 -1.06
CA THR A 371 7.20 -1.41 -2.44
C THR A 371 7.37 0.10 -2.60
N LYS A 372 6.90 0.86 -1.60
CA LYS A 372 7.14 2.30 -1.49
C LYS A 372 6.63 3.08 -2.70
N GLU A 373 5.46 2.68 -3.20
CA GLU A 373 4.85 3.35 -4.34
C GLU A 373 4.08 4.62 -3.92
N GLN A 374 3.75 4.72 -2.63
CA GLN A 374 2.93 5.82 -2.14
C GLN A 374 3.46 6.37 -0.81
N LEU A 375 3.91 7.63 -0.83
CA LEU A 375 4.39 8.28 0.40
C LEU A 375 3.23 8.63 1.32
N THR A 376 3.39 8.34 2.62
CA THR A 376 2.36 8.69 3.61
C THR A 376 2.82 9.71 4.65
N THR A 377 4.13 9.97 4.72
CA THR A 377 4.66 10.97 5.65
C THR A 377 3.87 12.28 5.58
N ARG A 378 3.45 12.80 6.72
CA ARG A 378 2.75 14.10 6.75
C ARG A 378 3.71 15.22 6.36
N VAL A 379 3.19 16.23 5.68
CA VAL A 379 3.99 17.39 5.23
C VAL A 379 4.85 17.99 6.35
N LYS A 380 4.27 18.13 7.55
CA LYS A 380 5.00 18.71 8.68
C LYS A 380 6.21 17.86 9.10
N ASP A 381 6.23 16.60 8.68
CA ASP A 381 7.34 15.71 8.99
C ASP A 381 8.34 15.52 7.83
N PHE A 382 8.20 16.34 6.77
CA PHE A 382 9.07 16.20 5.59
C PHE A 382 10.53 16.49 5.89
N GLY A 383 10.78 17.45 6.79
CA GLY A 383 12.13 17.92 7.04
C GLY A 383 12.49 19.14 6.21
N SER A 384 11.57 19.56 5.34
CA SER A 384 11.75 20.76 4.54
C SER A 384 10.38 21.22 4.08
N ARG A 385 10.31 22.36 3.41
CA ARG A 385 9.07 22.77 2.76
C ARG A 385 9.33 23.13 1.31
N CYS A 386 8.25 23.24 0.53
CA CYS A 386 8.36 23.59 -0.87
C CYS A 386 7.22 24.50 -1.26
N GLU A 387 7.42 25.79 -1.07
CA GLU A 387 6.44 26.77 -1.50
C GLU A 387 6.63 27.07 -2.98
N ILE A 388 5.62 26.77 -3.77
CA ILE A 388 5.61 27.13 -5.18
C ILE A 388 5.38 28.65 -5.31
N PRO A 389 6.33 29.35 -5.93
CA PRO A 389 6.28 30.81 -6.02
C PRO A 389 5.27 31.32 -7.04
N LEU A 390 4.82 32.56 -6.86
CA LEU A 390 3.88 33.19 -7.77
C LEU A 390 4.38 33.25 -9.22
N GLU A 391 5.67 33.50 -9.38
CA GLU A 391 6.30 33.54 -10.70
C GLU A 391 6.07 32.23 -11.47
N TYR A 392 6.21 31.12 -10.76
CA TYR A 392 5.96 29.80 -11.33
C TYR A 392 4.48 29.63 -11.73
N ILE A 393 3.58 30.00 -10.84
CA ILE A 393 2.14 29.97 -11.13
C ILE A 393 1.77 30.84 -12.33
N ASN A 394 2.37 32.03 -12.40
CA ASN A 394 2.12 32.95 -13.51
C ASN A 394 2.50 32.37 -14.87
N LYS A 395 3.58 31.60 -14.89
CA LYS A 395 4.07 30.95 -16.10
C LYS A 395 3.13 29.81 -16.52
N ILE A 396 2.61 29.07 -15.54
CA ILE A 396 1.58 28.06 -15.80
C ILE A 396 0.34 28.71 -16.42
N MSE A 397 0.00 29.91 -15.94
CA MSE A 397 -1.12 30.69 -16.46
C MSE A 397 -0.89 31.22 -17.88
O MSE A 397 -1.79 31.79 -18.49
CB MSE A 397 -1.45 31.85 -15.52
CG MSE A 397 -2.91 32.00 -15.24
SE MSE A 397 -3.63 30.40 -14.42
CE MSE A 397 -3.40 30.92 -12.58
N LYS A 398 0.33 31.05 -18.39
CA LYS A 398 0.65 31.43 -19.77
C LYS A 398 0.47 30.24 -20.73
N THR A 399 0.22 29.06 -20.17
CA THR A 399 0.07 27.83 -20.97
C THR A 399 -1.38 27.52 -21.31
N ASP A 400 -1.58 26.44 -22.06
CA ASP A 400 -2.90 25.97 -22.48
C ASP A 400 -3.86 25.72 -21.31
N LEU A 401 -3.31 25.39 -20.14
CA LEU A 401 -4.14 25.15 -18.96
C LEU A 401 -5.06 26.34 -18.67
N ALA A 402 -4.51 27.54 -18.82
CA ALA A 402 -5.27 28.78 -18.57
C ALA A 402 -6.46 28.93 -19.51
N THR A 403 -6.21 28.77 -20.82
CA THR A 403 -7.25 28.97 -21.83
C THR A 403 -8.30 27.87 -21.76
N ARG A 404 -7.88 26.68 -21.32
CA ARG A 404 -8.82 25.60 -21.06
C ARG A 404 -9.72 25.94 -19.87
N MSE A 405 -9.14 26.55 -18.84
CA MSE A 405 -9.90 26.94 -17.65
C MSE A 405 -10.84 28.11 -17.93
O MSE A 405 -11.93 28.17 -17.36
CB MSE A 405 -8.96 27.26 -16.48
CG MSE A 405 -8.24 26.03 -15.85
SE MSE A 405 -9.33 24.43 -15.58
CE MSE A 405 -9.02 23.55 -17.26
N PHE A 406 -10.42 29.03 -18.79
CA PHE A 406 -11.27 30.17 -19.19
C PHE A 406 -12.47 29.70 -20.01
N GLU A 407 -12.24 28.66 -20.82
CA GLU A 407 -13.30 28.03 -21.60
C GLU A 407 -14.39 27.45 -20.69
N ILE A 408 -13.96 26.78 -19.62
CA ILE A 408 -14.91 26.24 -18.63
C ILE A 408 -15.60 27.37 -17.85
N ALA A 409 -14.82 28.39 -17.49
CA ALA A 409 -15.33 29.53 -16.71
C ALA A 409 -16.45 30.28 -17.44
N ASP A 410 -16.26 30.53 -18.74
CA ASP A 410 -17.25 31.26 -19.55
C ASP A 410 -18.57 30.48 -19.65
N ALA A 411 -18.46 29.17 -19.82
CA ALA A 411 -19.62 28.28 -19.79
C ALA A 411 -19.77 27.61 -18.43
N ALA B 13 32.42 -0.33 12.70
CA ALA B 13 31.34 -0.39 11.67
C ALA B 13 30.14 -1.19 12.14
N SER B 14 30.32 -1.98 13.20
CA SER B 14 29.27 -2.85 13.75
C SER B 14 28.02 -2.09 14.17
N ASP B 15 28.21 -0.94 14.84
CA ASP B 15 27.09 -0.13 15.36
C ASP B 15 26.18 0.39 14.24
N LYS B 16 26.76 0.59 13.06
CA LYS B 16 26.06 1.11 11.90
C LYS B 16 24.92 0.21 11.46
N TYR B 17 25.11 -1.10 11.60
CA TYR B 17 24.13 -2.08 11.12
C TYR B 17 23.48 -2.84 12.26
N GLN B 18 22.17 -3.01 12.18
CA GLN B 18 21.40 -3.68 13.21
C GLN B 18 20.49 -4.75 12.63
N LYS B 19 20.38 -5.88 13.34
CA LYS B 19 19.37 -6.89 13.06
C LYS B 19 18.28 -6.77 14.13
N ILE B 20 17.03 -6.75 13.68
CA ILE B 20 15.90 -6.70 14.61
C ILE B 20 14.94 -7.85 14.36
N SER B 21 14.12 -8.16 15.35
CA SER B 21 13.10 -9.19 15.22
C SER B 21 11.86 -8.66 14.50
N GLN B 22 11.07 -9.59 13.96
CA GLN B 22 9.76 -9.30 13.38
C GLN B 22 8.91 -8.45 14.31
N LEU B 23 8.88 -8.81 15.58
CA LEU B 23 8.09 -8.10 16.59
C LEU B 23 8.60 -6.69 16.80
N GLU B 24 9.93 -6.56 16.88
CA GLU B 24 10.56 -5.25 17.00
C GLU B 24 10.28 -4.35 15.80
N HIS B 25 10.24 -4.94 14.60
CA HIS B 25 9.99 -4.17 13.38
C HIS B 25 8.55 -3.65 13.29
N ILE B 26 7.61 -4.44 13.80
CA ILE B 26 6.23 -4.01 13.88
C ILE B 26 6.08 -2.79 14.79
N LEU B 27 6.68 -2.84 15.99
CA LEU B 27 6.56 -1.73 16.93
C LEU B 27 7.32 -0.50 16.43
N LYS B 28 8.48 -0.73 15.83
CA LYS B 28 9.31 0.35 15.27
C LYS B 28 8.67 1.01 14.06
N ARG B 29 8.20 0.18 13.12
CA ARG B 29 7.65 0.64 11.86
C ARG B 29 6.21 0.10 11.65
N PRO B 30 5.24 0.63 12.39
CA PRO B 30 3.85 0.14 12.31
C PRO B 30 3.17 0.36 10.95
N ASP B 31 3.68 1.28 10.14
CA ASP B 31 2.96 1.78 8.96
C ASP B 31 2.48 0.72 7.96
N THR B 32 3.35 -0.20 7.57
CA THR B 32 2.94 -1.22 6.59
C THR B 32 2.07 -2.32 7.19
N TYR B 33 2.02 -2.39 8.51
CA TYR B 33 1.15 -3.39 9.17
C TYR B 33 -0.24 -2.86 9.52
N ILE B 34 -0.31 -1.69 10.16
CA ILE B 34 -1.58 -1.17 10.65
C ILE B 34 -1.91 0.26 10.17
N GLY B 35 -1.00 0.85 9.40
CA GLY B 35 -1.13 2.23 9.01
C GLY B 35 -0.40 3.14 9.99
N SER B 36 -0.54 4.44 9.80
CA SER B 36 0.16 5.43 10.59
C SER B 36 -0.25 5.40 12.07
N VAL B 37 0.73 5.54 12.95
CA VAL B 37 0.45 5.76 14.36
C VAL B 37 0.55 7.25 14.73
N GLU B 38 0.51 8.12 13.72
CA GLU B 38 0.44 9.57 13.94
C GLU B 38 -0.98 10.08 13.62
N THR B 39 -1.35 11.22 14.20
CA THR B 39 -2.67 11.79 13.97
C THR B 39 -2.81 12.24 12.53
N GLN B 40 -3.95 11.93 11.94
CA GLN B 40 -4.23 12.34 10.57
C GLN B 40 -5.51 13.14 10.56
N GLU B 41 -5.50 14.26 9.82
CA GLU B 41 -6.71 15.01 9.59
C GLU B 41 -7.45 14.41 8.40
N GLN B 42 -8.66 13.93 8.65
CA GLN B 42 -9.41 13.16 7.66
C GLN B 42 -10.84 13.66 7.58
N LEU B 43 -11.40 13.61 6.38
CA LEU B 43 -12.84 13.75 6.19
C LEU B 43 -13.44 12.34 6.27
N GLN B 44 -14.28 12.12 7.29
CA GLN B 44 -14.81 10.78 7.56
C GLN B 44 -16.31 10.80 7.76
N TRP B 45 -16.97 9.72 7.31
CA TRP B 45 -18.37 9.53 7.60
C TRP B 45 -18.53 8.96 9.00
N ILE B 46 -19.45 9.53 9.76
CA ILE B 46 -19.86 8.96 11.05
C ILE B 46 -21.38 8.87 11.11
N TYR B 47 -21.88 7.93 11.90
CA TYR B 47 -23.32 7.77 12.05
C TYR B 47 -23.82 8.67 13.17
N ASP B 48 -24.74 9.57 12.84
CA ASP B 48 -25.34 10.48 13.81
C ASP B 48 -26.59 9.86 14.42
N GLU B 49 -26.50 9.52 15.70
CA GLU B 49 -27.60 8.84 16.40
C GLU B 49 -28.86 9.70 16.56
N GLU B 50 -28.68 11.02 16.62
CA GLU B 50 -29.79 11.96 16.80
C GLU B 50 -30.61 12.18 15.52
N THR B 51 -29.93 12.09 14.37
CA THR B 51 -30.59 12.23 13.07
C THR B 51 -30.76 10.88 12.37
N ASP B 52 -30.20 9.83 12.97
CA ASP B 52 -30.28 8.46 12.46
C ASP B 52 -29.77 8.35 11.01
N CYS B 53 -28.62 8.99 10.73
CA CYS B 53 -28.06 9.03 9.38
C CYS B 53 -26.57 9.34 9.35
N MSE B 54 -25.94 9.09 8.20
CA MSE B 54 -24.51 9.34 8.02
C MSE B 54 -24.22 10.83 7.88
O MSE B 54 -24.94 11.54 7.19
CB MSE B 54 -24.00 8.60 6.78
CG MSE B 54 -24.00 7.09 6.91
SE MSE B 54 -22.86 6.49 8.36
CE MSE B 54 -22.88 4.53 7.99
N ILE B 55 -23.17 11.29 8.55
CA ILE B 55 -22.71 12.68 8.45
C ILE B 55 -21.22 12.70 8.13
N GLU B 56 -20.82 13.52 7.16
CA GLU B 56 -19.40 13.73 6.88
C GLU B 56 -18.82 14.77 7.82
N LYS B 57 -17.72 14.41 8.48
CA LYS B 57 -17.14 15.26 9.52
C LYS B 57 -15.62 15.33 9.37
N ASN B 58 -15.06 16.50 9.64
CA ASN B 58 -13.61 16.62 9.79
C ASN B 58 -13.18 16.07 11.14
N VAL B 59 -12.42 14.98 11.12
CA VAL B 59 -11.91 14.37 12.35
C VAL B 59 -10.39 14.31 12.33
N THR B 60 -9.82 14.12 13.52
CA THR B 60 -8.43 13.73 13.65
C THR B 60 -8.39 12.39 14.35
N ILE B 61 -7.84 11.39 13.67
CA ILE B 61 -7.75 10.04 14.22
C ILE B 61 -6.40 9.42 13.91
N VAL B 62 -6.06 8.38 14.66
CA VAL B 62 -4.87 7.60 14.41
C VAL B 62 -5.26 6.32 13.67
N PRO B 63 -4.90 6.23 12.38
CA PRO B 63 -5.31 5.08 11.54
C PRO B 63 -5.02 3.74 12.19
N GLY B 64 -3.84 3.58 12.78
CA GLY B 64 -3.44 2.32 13.38
C GLY B 64 -4.37 1.86 14.48
N LEU B 65 -4.89 2.80 15.25
CA LEU B 65 -5.83 2.50 16.32
C LEU B 65 -7.17 2.03 15.77
N PHE B 66 -7.68 2.74 14.78
CA PHE B 66 -8.88 2.31 14.05
C PHE B 66 -8.66 0.90 13.43
N LYS B 67 -7.47 0.68 12.88
CA LYS B 67 -7.19 -0.57 12.18
C LYS B 67 -7.11 -1.81 13.09
N ILE B 68 -6.50 -1.70 14.27
CA ILE B 68 -6.46 -2.87 15.19
C ILE B 68 -7.87 -3.31 15.61
N PHE B 69 -8.78 -2.34 15.72
CA PHE B 69 -10.20 -2.62 15.93
C PHE B 69 -10.81 -3.29 14.70
N ASP B 70 -10.59 -2.70 13.54
CA ASP B 70 -11.05 -3.27 12.27
C ASP B 70 -10.60 -4.73 12.07
N GLU B 71 -9.36 -5.06 12.47
CA GLU B 71 -8.87 -6.45 12.33
C GLU B 71 -9.75 -7.45 13.10
N ILE B 72 -10.14 -7.08 14.32
CA ILE B 72 -10.97 -7.96 15.15
C ILE B 72 -12.40 -8.04 14.60
N LEU B 73 -12.90 -6.91 14.14
CA LEU B 73 -14.21 -6.83 13.48
C LEU B 73 -14.32 -7.75 12.26
N VAL B 74 -13.36 -7.65 11.33
CA VAL B 74 -13.38 -8.45 10.11
C VAL B 74 -13.21 -9.95 10.42
N ASN B 75 -12.42 -10.27 11.45
CA ASN B 75 -12.29 -11.65 11.94
C ASN B 75 -13.64 -12.25 12.35
N ALA B 76 -14.45 -11.42 13.00
CA ALA B 76 -15.77 -11.85 13.43
C ALA B 76 -16.64 -12.11 12.20
N ALA B 77 -16.59 -11.18 11.24
CA ALA B 77 -17.34 -11.33 9.99
C ALA B 77 -16.89 -12.54 9.18
N ASP B 78 -15.60 -12.83 9.23
CA ASP B 78 -15.04 -13.99 8.54
C ASP B 78 -15.61 -15.30 9.09
N ASN B 79 -15.92 -15.31 10.38
CA ASN B 79 -16.51 -16.51 10.99
C ASN B 79 -17.90 -16.85 10.46
N LYS B 80 -18.57 -15.86 9.87
CA LYS B 80 -19.86 -16.09 9.20
C LYS B 80 -19.64 -16.83 7.88
N VAL B 81 -18.52 -16.56 7.22
CA VAL B 81 -18.12 -17.32 6.04
C VAL B 81 -17.80 -18.78 6.42
N ARG B 82 -17.05 -18.95 7.51
CA ARG B 82 -16.66 -20.27 8.02
C ARG B 82 -17.84 -21.07 8.58
N ASP B 83 -18.74 -20.37 9.27
CA ASP B 83 -19.93 -20.99 9.85
C ASP B 83 -21.18 -20.16 9.56
N PRO B 84 -21.87 -20.49 8.46
CA PRO B 84 -23.12 -19.80 8.08
C PRO B 84 -24.25 -19.85 9.12
N SER B 85 -24.12 -20.69 10.15
CA SER B 85 -25.12 -20.74 11.21
C SER B 85 -24.98 -19.58 12.22
N MSE B 86 -23.81 -18.92 12.19
CA MSE B 86 -23.57 -17.75 13.04
C MSE B 86 -24.62 -16.69 12.79
O MSE B 86 -25.03 -16.47 11.65
CB MSE B 86 -22.17 -17.19 12.77
CG MSE B 86 -21.91 -15.81 13.35
SE MSE B 86 -20.14 -15.15 12.87
CE MSE B 86 -20.57 -13.27 12.74
N LYS B 87 -25.07 -16.03 13.85
CA LYS B 87 -26.20 -15.11 13.75
C LYS B 87 -25.96 -13.69 14.28
N ARG B 88 -24.95 -13.50 15.12
CA ARG B 88 -24.74 -12.18 15.71
C ARG B 88 -23.30 -11.78 16.04
N ILE B 89 -23.01 -10.50 15.84
CA ILE B 89 -21.81 -9.87 16.35
C ILE B 89 -22.20 -8.87 17.42
N ASP B 90 -21.53 -8.93 18.56
CA ASP B 90 -21.67 -7.91 19.59
C ASP B 90 -20.39 -7.11 19.72
N VAL B 91 -20.51 -5.80 19.59
CA VAL B 91 -19.40 -4.90 19.84
C VAL B 91 -19.75 -4.04 21.04
N ASN B 92 -18.84 -4.02 22.03
CA ASN B 92 -19.01 -3.16 23.21
C ASN B 92 -17.78 -2.28 23.42
N ILE B 93 -17.97 -0.97 23.28
CA ILE B 93 -16.87 -0.03 23.51
C ILE B 93 -17.04 0.69 24.84
N HIS B 94 -16.14 0.39 25.76
CA HIS B 94 -16.12 1.05 27.07
C HIS B 94 -15.07 2.16 27.06
N ALA B 95 -15.50 3.33 26.59
CA ALA B 95 -14.61 4.47 26.35
C ALA B 95 -13.77 4.84 27.56
N GLU B 96 -14.43 5.01 28.70
CA GLU B 96 -13.80 5.42 29.96
C GLU B 96 -12.67 4.48 30.40
N GLU B 97 -12.85 3.18 30.19
CA GLU B 97 -11.86 2.19 30.58
C GLU B 97 -10.95 1.78 29.42
N HIS B 98 -11.03 2.52 28.31
CA HIS B 98 -10.36 2.16 27.05
C HIS B 98 -10.37 0.66 26.75
N THR B 99 -11.54 0.04 26.90
CA THR B 99 -11.69 -1.39 26.69
C THR B 99 -12.69 -1.68 25.58
N ILE B 100 -12.30 -2.54 24.65
CA ILE B 100 -13.14 -2.88 23.50
C ILE B 100 -13.37 -4.39 23.44
N GLU B 101 -14.65 -4.76 23.32
CA GLU B 101 -15.06 -6.16 23.26
C GLU B 101 -15.73 -6.44 21.93
N VAL B 102 -15.31 -7.52 21.26
CA VAL B 102 -15.96 -8.01 20.06
C VAL B 102 -16.30 -9.48 20.26
N LYS B 103 -17.59 -9.79 20.15
CA LYS B 103 -18.09 -11.14 20.38
C LYS B 103 -18.83 -11.62 19.14
N ASN B 104 -18.62 -12.88 18.80
CA ASN B 104 -19.41 -13.51 17.74
C ASN B 104 -19.87 -14.89 18.19
N ASP B 105 -21.01 -15.32 17.68
CA ASP B 105 -21.48 -16.68 17.92
C ASP B 105 -21.12 -17.57 16.73
N GLY B 106 -21.77 -18.72 16.61
CA GLY B 106 -21.29 -19.75 15.70
C GLY B 106 -20.06 -20.41 16.27
N LYS B 107 -19.39 -21.23 15.48
CA LYS B 107 -18.27 -22.04 15.98
C LYS B 107 -17.16 -21.19 16.59
N GLY B 108 -16.69 -21.61 17.77
CA GLY B 108 -15.58 -20.95 18.45
C GLY B 108 -14.23 -21.43 17.94
N ILE B 109 -13.17 -21.15 18.70
CA ILE B 109 -11.83 -21.67 18.38
C ILE B 109 -11.65 -23.04 19.01
N PRO B 110 -11.30 -24.04 18.20
CA PRO B 110 -11.04 -25.40 18.71
C PRO B 110 -10.10 -25.37 19.91
N ILE B 111 -10.57 -25.89 21.05
CA ILE B 111 -9.76 -26.01 22.25
C ILE B 111 -8.96 -27.31 22.20
N GLU B 112 -7.85 -27.26 21.49
CA GLU B 112 -7.02 -28.43 21.20
C GLU B 112 -5.56 -27.99 21.20
N ILE B 113 -4.68 -28.90 21.59
CA ILE B 113 -3.25 -28.71 21.38
C ILE B 113 -2.91 -29.05 19.93
N HIS B 114 -2.24 -28.13 19.25
CA HIS B 114 -1.82 -28.33 17.86
C HIS B 114 -0.80 -29.46 17.74
N ASN B 115 -0.95 -30.29 16.70
CA ASN B 115 -0.04 -31.41 16.41
C ASN B 115 1.44 -31.04 16.38
N LYS B 116 1.73 -29.94 15.69
CA LYS B 116 3.10 -29.53 15.38
C LYS B 116 3.66 -28.55 16.40
N GLU B 117 2.87 -27.55 16.76
CA GLU B 117 3.35 -26.44 17.59
C GLU B 117 3.31 -26.77 19.08
N ASN B 118 2.55 -27.81 19.42
CA ASN B 118 2.46 -28.34 20.79
C ASN B 118 2.02 -27.31 21.84
N ILE B 119 1.18 -26.38 21.40
CA ILE B 119 0.50 -25.44 22.30
C ILE B 119 -0.96 -25.38 21.89
N TYR B 120 -1.82 -24.87 22.77
CA TYR B 120 -3.22 -24.71 22.42
C TYR B 120 -3.40 -23.81 21.21
N ILE B 121 -4.34 -24.20 20.33
CA ILE B 121 -4.55 -23.51 19.07
C ILE B 121 -4.92 -22.03 19.24
N PRO B 122 -5.80 -21.69 20.19
CA PRO B 122 -6.06 -20.27 20.49
C PRO B 122 -4.79 -19.49 20.86
N GLU B 123 -3.92 -20.08 21.70
CA GLU B 123 -2.63 -19.45 22.03
C GLU B 123 -1.80 -19.26 20.77
N MSE B 124 -1.87 -20.23 19.87
CA MSE B 124 -1.08 -20.23 18.65
C MSE B 124 -1.51 -19.13 17.70
O MSE B 124 -0.68 -18.35 17.22
CB MSE B 124 -1.17 -21.59 17.97
CG MSE B 124 -0.37 -21.72 16.69
SE MSE B 124 -0.89 -23.35 15.74
CE MSE B 124 -0.90 -22.66 13.92
N ILE B 125 -2.80 -19.04 17.42
CA ILE B 125 -3.30 -18.13 16.37
C ILE B 125 -3.61 -16.70 16.83
N PHE B 126 -3.54 -16.46 18.15
CA PHE B 126 -3.70 -15.11 18.68
C PHE B 126 -2.41 -14.56 19.30
N GLY B 127 -1.42 -15.45 19.48
CA GLY B 127 -0.22 -15.09 20.22
C GLY B 127 1.09 -15.31 19.48
N HIS B 128 1.01 -15.80 18.25
CA HIS B 128 2.19 -15.98 17.41
C HIS B 128 1.98 -15.39 16.01
N LEU B 129 2.96 -14.62 15.53
CA LEU B 129 2.86 -14.04 14.20
C LEU B 129 2.82 -15.13 13.14
N LEU B 130 2.16 -14.83 12.02
CA LEU B 130 2.12 -15.70 10.85
C LEU B 130 1.44 -17.03 11.13
N THR B 131 0.25 -16.93 11.71
CA THR B 131 -0.58 -18.10 11.99
C THR B 131 -1.96 -17.83 11.42
N SER B 132 -2.52 -18.80 10.71
CA SER B 132 -3.74 -18.57 9.94
C SER B 132 -4.41 -19.85 9.50
N SER B 133 -5.73 -19.79 9.29
CA SER B 133 -6.47 -20.85 8.58
C SER B 133 -6.62 -20.51 7.08
N ASN B 134 -5.98 -19.44 6.65
CA ASN B 134 -6.15 -18.90 5.30
C ASN B 134 -4.93 -19.07 4.40
N TYR B 135 -4.03 -19.97 4.77
CA TYR B 135 -2.76 -20.16 4.05
C TYR B 135 -2.85 -21.14 2.86
N ASP B 136 -3.94 -21.90 2.77
CA ASP B 136 -4.11 -22.87 1.67
C ASP B 136 -5.04 -22.32 0.59
N ASP B 137 -4.44 -21.77 -0.47
CA ASP B 137 -5.19 -21.10 -1.52
C ASP B 137 -5.67 -22.04 -2.64
N ASP B 138 -5.45 -23.34 -2.45
CA ASP B 138 -6.08 -24.35 -3.30
C ASP B 138 -7.59 -24.16 -3.23
N GLU B 139 -8.08 -23.81 -2.03
CA GLU B 139 -9.47 -23.49 -1.81
C GLU B 139 -9.71 -22.03 -2.13
N LYS B 140 -10.75 -21.77 -2.92
CA LYS B 140 -11.14 -20.41 -3.24
C LYS B 140 -12.08 -19.89 -2.15
N LYS B 141 -11.59 -18.93 -1.38
CA LYS B 141 -12.29 -18.46 -0.19
C LYS B 141 -12.73 -17.01 -0.34
N VAL B 142 -13.85 -16.66 0.29
CA VAL B 142 -14.31 -15.26 0.28
C VAL B 142 -14.22 -14.60 1.65
N THR B 143 -13.38 -15.15 2.49
CA THR B 143 -13.01 -14.54 3.76
C THR B 143 -12.14 -13.29 3.52
N GLY B 144 -12.19 -12.34 4.44
CA GLY B 144 -11.34 -11.17 4.39
C GLY B 144 -9.92 -11.51 4.81
N GLY B 145 -9.77 -12.48 5.70
CA GLY B 145 -8.48 -12.82 6.27
C GLY B 145 -7.58 -13.50 5.26
N ARG B 146 -6.32 -13.10 5.21
CA ARG B 146 -5.39 -13.59 4.21
C ARG B 146 -4.04 -14.00 4.78
N ASN B 147 -3.47 -13.18 5.65
CA ASN B 147 -2.04 -13.31 5.91
C ASN B 147 -1.55 -13.74 7.29
N GLY B 148 -2.48 -13.88 8.24
CA GLY B 148 -2.16 -14.39 9.56
C GLY B 148 -1.50 -13.39 10.49
N TYR B 149 -1.84 -12.11 10.32
CA TYR B 149 -1.32 -11.00 11.13
C TYR B 149 -2.36 -10.33 12.01
N GLY B 150 -3.57 -10.11 11.45
CA GLY B 150 -4.54 -9.17 12.02
C GLY B 150 -4.74 -9.22 13.52
N ALA B 151 -5.05 -10.42 14.03
CA ALA B 151 -5.32 -10.61 15.44
C ALA B 151 -4.09 -10.36 16.32
N LYS B 152 -2.92 -10.78 15.83
CA LYS B 152 -1.66 -10.56 16.55
C LYS B 152 -1.26 -9.08 16.56
N LEU B 153 -1.52 -8.38 15.47
CA LEU B 153 -1.28 -6.95 15.41
C LEU B 153 -2.10 -6.19 16.46
N CYS B 154 -3.33 -6.60 16.67
CA CYS B 154 -4.15 -6.02 17.73
C CYS B 154 -3.52 -6.29 19.09
N ASN B 155 -3.14 -7.54 19.30
CA ASN B 155 -2.49 -7.99 20.52
C ASN B 155 -1.22 -7.17 20.81
N ILE B 156 -0.37 -7.07 19.81
CA ILE B 156 0.87 -6.30 19.91
C ILE B 156 0.62 -4.83 20.30
N PHE B 157 -0.43 -4.23 19.74
CA PHE B 157 -0.73 -2.83 20.03
C PHE B 157 -1.75 -2.69 21.16
N SER B 158 -1.75 -3.64 22.09
CA SER B 158 -2.59 -3.58 23.27
C SER B 158 -1.78 -3.74 24.56
N THR B 159 -2.17 -3.01 25.60
CA THR B 159 -1.61 -3.19 26.94
C THR B 159 -2.08 -4.51 27.53
N GLU B 160 -3.27 -4.95 27.09
CA GLU B 160 -3.91 -6.15 27.61
C GLU B 160 -4.79 -6.71 26.51
N PHE B 161 -4.77 -8.03 26.34
CA PHE B 161 -5.52 -8.68 25.26
C PHE B 161 -6.03 -10.01 25.78
N ILE B 162 -7.34 -10.20 25.71
CA ILE B 162 -7.98 -11.40 26.27
C ILE B 162 -8.79 -12.16 25.22
N LEU B 163 -8.47 -13.44 25.06
CA LEU B 163 -9.25 -14.31 24.19
C LEU B 163 -10.12 -15.25 25.00
N GLU B 164 -11.42 -15.20 24.76
CA GLU B 164 -12.36 -16.12 25.38
C GLU B 164 -13.11 -16.88 24.29
N THR B 165 -13.19 -18.20 24.43
CA THR B 165 -13.91 -19.04 23.46
C THR B 165 -14.50 -20.29 24.10
N ALA B 166 -15.59 -20.79 23.53
CA ALA B 166 -16.22 -22.02 23.98
C ALA B 166 -16.37 -23.00 22.84
N ASP B 167 -15.90 -24.24 23.06
CA ASP B 167 -15.92 -25.29 22.07
C ASP B 167 -16.85 -26.42 22.52
N LEU B 168 -17.81 -26.76 21.67
CA LEU B 168 -18.86 -27.71 22.03
C LEU B 168 -18.41 -29.17 21.89
N ASN B 169 -17.51 -29.43 20.93
CA ASN B 169 -16.97 -30.77 20.73
C ASN B 169 -16.21 -31.28 21.95
N VAL B 170 -15.52 -30.37 22.63
CA VAL B 170 -14.73 -30.71 23.82
C VAL B 170 -15.45 -30.33 25.12
N GLY B 171 -16.50 -29.51 25.01
CA GLY B 171 -17.28 -29.06 26.15
C GLY B 171 -16.45 -28.30 27.17
N GLN B 172 -15.76 -27.27 26.70
CA GLN B 172 -14.83 -26.51 27.54
C GLN B 172 -14.88 -25.00 27.28
N LYS B 173 -14.39 -24.24 28.26
CA LYS B 173 -14.24 -22.79 28.13
C LYS B 173 -12.77 -22.41 28.30
N TYR B 174 -12.33 -21.45 27.51
CA TYR B 174 -10.91 -21.11 27.37
C TYR B 174 -10.72 -19.60 27.50
N VAL B 175 -10.01 -19.17 28.54
CA VAL B 175 -9.70 -17.75 28.71
C VAL B 175 -8.19 -17.55 28.84
N GLN B 176 -7.65 -16.66 28.00
CA GLN B 176 -6.21 -16.41 28.00
C GLN B 176 -5.89 -14.93 27.91
N LYS B 177 -5.04 -14.47 28.83
CA LYS B 177 -4.64 -13.07 28.87
C LYS B 177 -3.21 -12.84 28.41
N TRP B 178 -3.04 -11.90 27.49
CA TRP B 178 -1.73 -11.39 27.11
C TRP B 178 -1.60 -9.99 27.68
N GLU B 179 -0.36 -9.54 27.89
CA GLU B 179 -0.12 -8.19 28.39
C GLU B 179 1.12 -7.57 27.77
N ASN B 180 1.20 -6.24 27.82
CA ASN B 180 2.41 -5.51 27.47
C ASN B 180 2.87 -5.77 26.04
N ASN B 181 2.02 -5.41 25.08
CA ASN B 181 2.33 -5.56 23.67
C ASN B 181 2.64 -7.01 23.27
N MSE B 182 1.84 -7.93 23.79
CA MSE B 182 1.95 -9.38 23.54
C MSE B 182 3.21 -10.02 24.14
O MSE B 182 3.48 -11.20 23.89
CB MSE B 182 1.86 -9.69 22.03
CG MSE B 182 1.50 -11.16 21.73
SE MSE B 182 0.95 -11.46 19.85
CE MSE B 182 2.69 -11.58 19.02
N SER B 183 3.97 -9.25 24.94
CA SER B 183 5.23 -9.75 25.50
C SER B 183 5.03 -10.65 26.72
N ILE B 184 3.88 -10.49 27.37
CA ILE B 184 3.52 -11.35 28.49
C ILE B 184 2.34 -12.22 28.05
N CYS B 185 2.50 -13.54 28.18
CA CYS B 185 1.45 -14.48 27.81
C CYS B 185 1.15 -15.39 29.00
N HIS B 186 0.01 -15.14 29.65
CA HIS B 186 -0.41 -15.97 30.77
C HIS B 186 -0.97 -17.30 30.27
N PRO B 187 -0.72 -18.38 31.01
CA PRO B 187 -1.32 -19.68 30.71
C PRO B 187 -2.84 -19.57 30.67
N PRO B 188 -3.49 -20.38 29.83
CA PRO B 188 -4.95 -20.31 29.69
C PRO B 188 -5.69 -20.92 30.88
N LYS B 189 -6.81 -20.31 31.26
CA LYS B 189 -7.73 -20.93 32.22
C LYS B 189 -8.77 -21.69 31.42
N ILE B 190 -8.78 -23.01 31.58
CA ILE B 190 -9.72 -23.88 30.86
C ILE B 190 -10.68 -24.52 31.85
N THR B 191 -11.97 -24.36 31.60
CA THR B 191 -13.02 -24.86 32.50
C THR B 191 -14.06 -25.67 31.74
N SER B 192 -14.96 -26.32 32.46
CA SER B 192 -16.02 -27.13 31.86
C SER B 192 -17.17 -26.26 31.37
N TYR B 193 -17.72 -26.63 30.21
CA TYR B 193 -18.75 -25.82 29.56
C TYR B 193 -19.85 -26.66 28.89
N LYS B 194 -21.02 -26.68 29.51
CA LYS B 194 -22.24 -27.19 28.88
C LYS B 194 -23.34 -26.12 28.94
N LYS B 195 -22.96 -24.87 28.62
CA LYS B 195 -23.84 -23.73 28.83
C LYS B 195 -24.29 -23.08 27.52
N GLY B 196 -25.09 -23.82 26.75
CA GLY B 196 -25.66 -23.28 25.52
C GLY B 196 -24.69 -23.16 24.36
N PRO B 197 -24.58 -21.97 23.78
CA PRO B 197 -23.97 -21.78 22.47
C PRO B 197 -22.44 -21.64 22.50
N SER B 198 -21.82 -21.98 21.37
CA SER B 198 -20.41 -21.68 21.16
C SER B 198 -20.25 -20.19 20.85
N TYR B 199 -19.05 -19.67 21.06
CA TYR B 199 -18.76 -18.25 20.80
C TYR B 199 -17.28 -17.93 20.97
N THR B 200 -16.87 -16.79 20.42
CA THR B 200 -15.56 -16.21 20.69
C THR B 200 -15.73 -14.76 21.10
N LYS B 201 -14.99 -14.36 22.12
CA LYS B 201 -14.99 -12.99 22.60
C LYS B 201 -13.56 -12.49 22.70
N VAL B 202 -13.28 -11.38 22.02
CA VAL B 202 -11.98 -10.72 22.09
C VAL B 202 -12.11 -9.40 22.86
N THR B 203 -11.34 -9.26 23.93
CA THR B 203 -11.38 -8.06 24.75
C THR B 203 -9.99 -7.43 24.85
N PHE B 204 -9.84 -6.24 24.28
CA PHE B 204 -8.54 -5.57 24.28
C PHE B 204 -8.56 -4.14 24.82
N LYS B 205 -7.41 -3.74 25.33
CA LYS B 205 -7.15 -2.38 25.77
C LYS B 205 -5.97 -1.87 24.95
N PRO B 206 -6.25 -1.03 23.96
CA PRO B 206 -5.19 -0.49 23.09
C PRO B 206 -4.11 0.26 23.87
N ASP B 207 -2.87 0.12 23.42
CA ASP B 207 -1.75 0.88 23.97
C ASP B 207 -1.86 2.32 23.46
N LEU B 208 -2.77 3.09 24.05
CA LEU B 208 -3.10 4.42 23.55
C LEU B 208 -1.89 5.34 23.50
N THR B 209 -0.97 5.13 24.44
CA THR B 209 0.28 5.87 24.49
C THR B 209 1.09 5.68 23.21
N ARG B 210 1.08 4.45 22.68
CA ARG B 210 1.76 4.11 21.44
C ARG B 210 1.16 4.86 20.25
N PHE B 211 -0.10 5.27 20.39
CA PHE B 211 -0.78 6.03 19.37
C PHE B 211 -0.80 7.52 19.70
N GLY B 212 -0.05 7.90 20.74
CA GLY B 212 0.07 9.29 21.15
C GLY B 212 -1.22 9.87 21.74
N MSE B 213 -1.97 9.03 22.44
CA MSE B 213 -3.25 9.42 23.01
C MSE B 213 -3.35 9.09 24.50
O MSE B 213 -2.72 8.16 24.98
CB MSE B 213 -4.40 8.71 22.27
CG MSE B 213 -4.58 9.11 20.83
SE MSE B 213 -5.59 7.73 19.90
CE MSE B 213 -7.30 8.00 20.75
N LYS B 214 -4.17 9.87 25.22
CA LYS B 214 -4.43 9.59 26.63
C LYS B 214 -5.74 8.84 26.84
N GLU B 215 -6.73 9.09 25.97
CA GLU B 215 -8.05 8.45 26.07
C GLU B 215 -8.67 8.28 24.69
N LEU B 216 -9.72 7.47 24.60
CA LEU B 216 -10.50 7.38 23.37
C LEU B 216 -11.37 8.62 23.23
N ASP B 217 -11.09 9.45 22.23
CA ASP B 217 -11.84 10.68 22.06
C ASP B 217 -13.05 10.50 21.13
N ASN B 218 -13.87 11.54 21.02
CA ASN B 218 -15.09 11.46 20.24
C ASN B 218 -14.89 11.15 18.75
N ASP B 219 -13.79 11.64 18.19
CA ASP B 219 -13.42 11.37 16.80
C ASP B 219 -13.24 9.87 16.50
N ILE B 220 -12.38 9.20 17.28
CA ILE B 220 -12.13 7.77 17.08
C ILE B 220 -13.35 6.91 17.43
N LEU B 221 -14.08 7.29 18.48
CA LEU B 221 -15.31 6.56 18.81
C LEU B 221 -16.30 6.63 17.66
N GLY B 222 -16.45 7.82 17.07
CA GLY B 222 -17.35 8.03 15.95
C GLY B 222 -17.05 7.11 14.78
N VAL B 223 -15.78 7.01 14.40
CA VAL B 223 -15.41 6.17 13.26
C VAL B 223 -15.46 4.66 13.58
N MSE B 224 -15.07 4.30 14.81
CA MSE B 224 -15.21 2.91 15.27
C MSE B 224 -16.68 2.49 15.21
O MSE B 224 -17.01 1.42 14.66
CB MSE B 224 -14.68 2.75 16.69
CG MSE B 224 -13.18 2.55 16.76
SE MSE B 224 -12.60 2.54 18.59
CE MSE B 224 -10.78 1.95 18.34
N ARG B 225 -17.56 3.32 15.75
CA ARG B 225 -18.99 3.05 15.74
C ARG B 225 -19.51 2.89 14.32
N ARG B 226 -19.14 3.81 13.43
CA ARG B 226 -19.59 3.75 12.04
C ARG B 226 -19.13 2.46 11.36
N ARG B 227 -17.91 2.04 11.67
CA ARG B 227 -17.36 0.82 11.09
C ARG B 227 -18.26 -0.38 11.41
N VAL B 228 -18.88 -0.35 12.59
CA VAL B 228 -19.80 -1.40 13.01
C VAL B 228 -21.09 -1.37 12.16
N TYR B 229 -21.58 -0.19 11.84
CA TYR B 229 -22.66 -0.04 10.85
C TYR B 229 -22.27 -0.59 9.49
N ASP B 230 -21.02 -0.36 9.08
CA ASP B 230 -20.48 -0.94 7.85
C ASP B 230 -20.63 -2.46 7.83
N ILE B 231 -20.27 -3.10 8.93
CA ILE B 231 -20.31 -4.57 8.99
C ILE B 231 -21.74 -5.06 8.75
N ASN B 232 -22.70 -4.42 9.42
CA ASN B 232 -24.11 -4.78 9.27
C ASN B 232 -24.59 -4.58 7.83
N GLY B 233 -24.13 -3.52 7.20
CA GLY B 233 -24.50 -3.21 5.82
C GLY B 233 -23.90 -4.16 4.80
N SER B 234 -22.66 -4.60 5.04
CA SER B 234 -21.95 -5.42 4.07
C SER B 234 -22.12 -6.92 4.22
N VAL B 235 -22.38 -7.38 5.46
CA VAL B 235 -22.56 -8.81 5.71
C VAL B 235 -24.03 -9.16 5.92
N ARG B 236 -24.53 -10.12 5.14
CA ARG B 236 -25.92 -10.54 5.22
C ARG B 236 -26.14 -11.59 6.31
N ASP B 237 -27.39 -11.72 6.74
CA ASP B 237 -27.84 -12.79 7.61
C ASP B 237 -27.22 -12.78 9.01
N ILE B 238 -26.79 -11.60 9.47
CA ILE B 238 -26.36 -11.45 10.86
C ILE B 238 -27.06 -10.29 11.55
N ASN B 239 -27.20 -10.39 12.87
CA ASN B 239 -27.64 -9.27 13.69
C ASN B 239 -26.42 -8.61 14.27
N VAL B 240 -26.38 -7.28 14.20
CA VAL B 240 -25.25 -6.54 14.74
C VAL B 240 -25.67 -5.67 15.90
N TYR B 241 -25.03 -5.88 17.05
CA TYR B 241 -25.32 -5.10 18.25
C TYR B 241 -24.12 -4.24 18.61
N LEU B 242 -24.39 -2.97 18.92
CA LEU B 242 -23.36 -2.04 19.35
C LEU B 242 -23.75 -1.47 20.71
N ASN B 243 -22.90 -1.70 21.70
CA ASN B 243 -23.21 -1.30 23.09
C ASN B 243 -24.65 -1.66 23.49
N GLY B 244 -25.09 -2.85 23.07
CA GLY B 244 -26.40 -3.38 23.45
C GLY B 244 -27.54 -3.07 22.49
N LYS B 245 -27.31 -2.15 21.57
CA LYS B 245 -28.35 -1.73 20.63
C LYS B 245 -28.24 -2.51 19.32
N SER B 246 -29.33 -3.16 18.94
CA SER B 246 -29.42 -3.83 17.64
C SER B 246 -29.47 -2.78 16.51
N LEU B 247 -28.52 -2.86 15.59
CA LEU B 247 -28.40 -1.86 14.53
C LEU B 247 -29.46 -2.04 13.46
N LYS B 248 -29.82 -3.30 13.20
CA LYS B 248 -30.95 -3.67 12.32
C LYS B 248 -30.90 -3.10 10.90
N ILE B 249 -29.71 -2.99 10.31
CA ILE B 249 -29.60 -2.72 8.87
C ILE B 249 -29.98 -4.00 8.14
N ARG B 250 -31.00 -3.92 7.29
CA ARG B 250 -31.56 -5.14 6.70
C ARG B 250 -30.74 -5.66 5.51
N ASN B 251 -30.13 -4.74 4.77
CA ASN B 251 -29.38 -5.08 3.56
C ASN B 251 -28.44 -3.93 3.14
N PHE B 252 -27.68 -4.13 2.08
CA PHE B 252 -26.76 -3.09 1.60
C PHE B 252 -27.48 -1.85 1.09
N LYS B 253 -28.65 -2.03 0.48
CA LYS B 253 -29.45 -0.88 0.04
C LYS B 253 -29.80 0.01 1.23
N ASN B 254 -30.25 -0.61 2.31
CA ASN B 254 -30.57 0.11 3.55
C ASN B 254 -29.33 0.83 4.08
N TYR B 255 -28.17 0.17 4.00
CA TYR B 255 -26.94 0.79 4.43
C TYR B 255 -26.64 2.07 3.62
N VAL B 256 -26.71 1.96 2.30
CA VAL B 256 -26.40 3.09 1.44
C VAL B 256 -27.38 4.24 1.68
N GLU B 257 -28.61 3.90 2.01
CA GLU B 257 -29.65 4.90 2.24
C GLU B 257 -29.41 5.71 3.52
N LEU B 258 -28.50 5.24 4.37
CA LEU B 258 -28.11 6.02 5.55
C LEU B 258 -27.38 7.30 5.12
N TYR B 259 -26.85 7.29 3.91
CA TYR B 259 -26.14 8.46 3.36
C TYR B 259 -27.10 9.42 2.66
N LEU B 260 -28.38 9.06 2.56
CA LEU B 260 -29.36 9.80 1.75
C LEU B 260 -29.56 11.24 2.21
N LYS B 261 -29.76 11.43 3.50
CA LYS B 261 -30.03 12.77 4.04
C LYS B 261 -28.88 13.73 3.74
N SER B 262 -27.65 13.25 3.91
CA SER B 262 -26.45 14.09 3.72
C SER B 262 -26.24 14.49 2.26
N LEU B 263 -26.45 13.54 1.35
CA LEU B 263 -26.38 13.81 -0.09
C LEU B 263 -27.43 14.82 -0.53
N GLU B 264 -28.61 14.75 0.09
CA GLU B 264 -29.65 15.77 -0.09
C GLU B 264 -29.58 16.84 1.02
N ILE B 281 -36.52 11.73 -9.89
CA ILE B 281 -35.21 11.08 -10.00
C ILE B 281 -34.62 10.81 -8.61
N PRO B 282 -34.36 9.53 -8.31
CA PRO B 282 -33.84 9.15 -6.99
C PRO B 282 -32.45 9.73 -6.71
N THR B 283 -32.16 9.98 -5.44
CA THR B 283 -30.84 10.45 -5.05
C THR B 283 -29.82 9.30 -5.11
N ILE B 284 -30.27 8.10 -4.74
CA ILE B 284 -29.46 6.90 -4.82
C ILE B 284 -30.09 5.86 -5.73
N LEU B 285 -29.26 5.32 -6.64
CA LEU B 285 -29.67 4.21 -7.48
C LEU B 285 -28.94 2.96 -7.06
N TYR B 286 -29.67 1.98 -6.56
CA TYR B 286 -29.08 0.74 -6.10
C TYR B 286 -29.47 -0.40 -7.03
N GLU B 287 -28.54 -1.32 -7.27
CA GLU B 287 -28.90 -2.57 -7.93
C GLU B 287 -28.02 -3.72 -7.48
N ARG B 288 -28.64 -4.85 -7.16
CA ARG B 288 -27.87 -6.08 -7.02
C ARG B 288 -27.64 -6.65 -8.42
N ILE B 289 -26.37 -6.73 -8.81
CA ILE B 289 -26.03 -7.24 -10.13
C ILE B 289 -26.04 -8.77 -10.15
N ASN B 290 -25.47 -9.38 -9.11
CA ASN B 290 -25.48 -10.83 -8.93
C ASN B 290 -25.23 -11.17 -7.48
N ASN B 291 -25.06 -12.46 -7.18
CA ASN B 291 -24.86 -12.91 -5.80
C ASN B 291 -23.58 -12.37 -5.14
N ARG B 292 -22.66 -11.81 -5.93
CA ARG B 292 -21.38 -11.36 -5.40
C ARG B 292 -21.11 -9.86 -5.61
N TRP B 293 -22.08 -9.16 -6.22
CA TRP B 293 -21.90 -7.75 -6.56
C TRP B 293 -23.17 -6.92 -6.35
N GLU B 294 -23.04 -5.86 -5.56
CA GLU B 294 -24.06 -4.83 -5.43
C GLU B 294 -23.42 -3.48 -5.64
N VAL B 295 -24.11 -2.59 -6.36
CA VAL B 295 -23.60 -1.25 -6.60
C VAL B 295 -24.68 -0.20 -6.35
N ALA B 296 -24.25 0.96 -5.87
CA ALA B 296 -25.14 2.10 -5.75
C ALA B 296 -24.47 3.33 -6.31
N PHE B 297 -25.29 4.25 -6.81
CA PHE B 297 -24.79 5.47 -7.42
C PHE B 297 -25.51 6.69 -6.89
N ALA B 298 -24.73 7.75 -6.67
CA ALA B 298 -25.28 9.07 -6.42
C ALA B 298 -24.39 10.10 -7.08
N VAL B 299 -24.92 11.29 -7.30
CA VAL B 299 -24.14 12.36 -7.92
C VAL B 299 -23.23 12.99 -6.87
N SER B 300 -21.97 13.18 -7.23
CA SER B 300 -21.02 13.79 -6.32
C SER B 300 -20.93 15.30 -6.51
N ASP B 301 -20.71 15.99 -5.39
CA ASP B 301 -20.70 17.45 -5.32
C ASP B 301 -19.42 18.07 -5.88
N ILE B 302 -18.27 17.58 -5.44
CA ILE B 302 -17.00 18.23 -5.77
C ILE B 302 -16.00 17.39 -6.57
N SER B 303 -15.95 16.09 -6.29
CA SER B 303 -15.02 15.18 -6.98
C SER B 303 -15.49 13.73 -6.84
N PHE B 304 -14.80 12.82 -7.52
CA PHE B 304 -15.11 11.39 -7.42
C PHE B 304 -15.09 10.93 -5.98
N GLN B 305 -16.10 10.16 -5.60
CA GLN B 305 -16.18 9.59 -4.26
C GLN B 305 -16.53 8.12 -4.37
N GLN B 306 -15.94 7.30 -3.52
CA GLN B 306 -16.28 5.88 -3.48
C GLN B 306 -16.33 5.35 -2.06
N ILE B 307 -17.30 4.48 -1.82
CA ILE B 307 -17.34 3.68 -0.61
C ILE B 307 -17.48 2.23 -1.07
N SER B 308 -16.52 1.40 -0.71
CA SER B 308 -16.47 0.03 -1.23
C SER B 308 -16.02 -0.98 -0.18
N PHE B 309 -16.51 -2.20 -0.34
CA PHE B 309 -16.18 -3.32 0.56
C PHE B 309 -15.85 -4.57 -0.23
N VAL B 310 -14.76 -5.22 0.15
CA VAL B 310 -14.38 -6.51 -0.43
C VAL B 310 -14.37 -7.50 0.71
N ASN B 311 -15.24 -8.51 0.64
CA ASN B 311 -15.36 -9.49 1.72
C ASN B 311 -15.43 -8.82 3.10
N SER B 312 -16.26 -7.77 3.19
CA SER B 312 -16.48 -6.99 4.42
C SER B 312 -15.37 -6.00 4.81
N ILE B 313 -14.22 -6.07 4.12
CA ILE B 313 -13.14 -5.11 4.34
C ILE B 313 -13.48 -3.79 3.66
N ALA B 314 -13.26 -2.68 4.37
CA ALA B 314 -13.46 -1.35 3.80
C ALA B 314 -12.25 -0.96 2.95
N THR B 315 -12.43 -1.00 1.63
CA THR B 315 -11.34 -0.65 0.71
C THR B 315 -11.32 0.87 0.48
N THR B 316 -10.83 1.59 1.48
CA THR B 316 -10.87 3.04 1.49
C THR B 316 -9.96 3.70 0.44
N MSE B 317 -9.02 2.92 -0.12
CA MSE B 317 -8.17 3.39 -1.21
C MSE B 317 -8.55 2.75 -2.54
O MSE B 317 -7.79 2.85 -3.51
CB MSE B 317 -6.69 3.12 -0.91
CG MSE B 317 -6.17 3.69 0.41
SE MSE B 317 -4.26 4.04 0.27
CE MSE B 317 -3.64 3.18 1.88
N GLY B 318 -9.70 2.09 -2.56
CA GLY B 318 -10.29 1.58 -3.80
C GLY B 318 -9.53 0.40 -4.36
N GLY B 319 -9.26 0.44 -5.66
CA GLY B 319 -8.48 -0.58 -6.32
C GLY B 319 -9.15 -1.17 -7.54
N THR B 320 -8.79 -2.41 -7.87
CA THR B 320 -9.21 -3.04 -9.13
C THR B 320 -10.71 -3.25 -9.25
N HIS B 321 -11.38 -3.47 -8.13
CA HIS B 321 -12.83 -3.66 -8.14
C HIS B 321 -13.57 -2.33 -8.40
N VAL B 322 -13.12 -1.26 -7.75
CA VAL B 322 -13.70 0.06 -7.98
C VAL B 322 -13.49 0.48 -9.44
N ASN B 323 -12.26 0.31 -9.93
CA ASN B 323 -11.92 0.67 -11.30
C ASN B 323 -12.73 -0.13 -12.31
N TYR B 324 -12.91 -1.42 -12.02
CA TYR B 324 -13.68 -2.32 -12.88
C TYR B 324 -15.09 -1.78 -13.09
N ILE B 325 -15.72 -1.31 -12.01
CA ILE B 325 -17.07 -0.77 -12.06
C ILE B 325 -17.11 0.61 -12.71
N THR B 326 -16.30 1.54 -12.20
CA THR B 326 -16.32 2.91 -12.68
C THR B 326 -15.94 3.00 -14.15
N ASP B 327 -14.92 2.23 -14.56
CA ASP B 327 -14.50 2.20 -15.96
C ASP B 327 -15.65 1.89 -16.89
N GLN B 328 -16.48 0.90 -16.52
CA GLN B 328 -17.63 0.49 -17.33
C GLN B 328 -18.61 1.65 -17.52
N ILE B 329 -18.93 2.30 -16.40
CA ILE B 329 -19.93 3.37 -16.39
C ILE B 329 -19.41 4.58 -17.16
N VAL B 330 -18.16 4.96 -16.89
CA VAL B 330 -17.52 6.09 -17.57
C VAL B 330 -17.38 5.81 -19.07
N LYS B 331 -16.99 4.58 -19.43
CA LYS B 331 -16.84 4.21 -20.84
C LYS B 331 -18.13 4.44 -21.62
N LYS B 332 -19.25 3.96 -21.08
CA LYS B 332 -20.54 4.06 -21.77
C LYS B 332 -21.03 5.51 -21.84
N ILE B 333 -20.92 6.23 -20.73
CA ILE B 333 -21.31 7.64 -20.72
C ILE B 333 -20.51 8.44 -21.74
N SER B 334 -19.22 8.13 -21.86
CA SER B 334 -18.38 8.81 -22.87
C SER B 334 -18.88 8.57 -24.30
N GLU B 335 -19.24 7.33 -24.62
CA GLU B 335 -19.80 7.01 -25.93
C GLU B 335 -21.08 7.81 -26.20
N ILE B 336 -21.95 7.89 -25.19
CA ILE B 336 -23.22 8.60 -25.31
C ILE B 336 -23.00 10.08 -25.63
N LEU B 337 -22.06 10.69 -24.92
CA LEU B 337 -21.75 12.11 -25.10
C LEU B 337 -21.06 12.38 -26.43
N LYS B 338 -20.27 11.42 -26.89
CA LYS B 338 -19.58 11.53 -28.18
C LYS B 338 -20.55 11.63 -29.35
N LYS B 339 -21.67 10.89 -29.26
CA LYS B 339 -22.69 10.88 -30.31
C LYS B 339 -24.08 10.68 -29.72
N SER B 344 -15.12 15.73 -27.06
CA SER B 344 -15.54 16.97 -26.42
C SER B 344 -15.46 16.87 -24.89
N VAL B 345 -15.86 15.72 -24.34
CA VAL B 345 -15.86 15.51 -22.89
C VAL B 345 -14.84 14.45 -22.48
N LYS B 346 -13.87 14.86 -21.65
CA LYS B 346 -12.86 13.93 -21.14
C LYS B 346 -13.41 13.05 -20.01
N SER B 347 -12.91 11.82 -19.94
CA SER B 347 -13.36 10.85 -18.95
C SER B 347 -13.34 11.37 -17.50
N PHE B 348 -12.31 12.14 -17.14
CA PHE B 348 -12.21 12.63 -15.76
C PHE B 348 -13.41 13.49 -15.35
N GLN B 349 -13.98 14.21 -16.32
CA GLN B 349 -15.13 15.07 -16.05
C GLN B 349 -16.33 14.23 -15.63
N ILE B 350 -16.49 13.07 -16.27
CA ILE B 350 -17.56 12.13 -15.94
C ILE B 350 -17.30 11.51 -14.58
N LYS B 351 -16.12 10.94 -14.40
CA LYS B 351 -15.81 10.24 -13.16
C LYS B 351 -15.95 11.14 -11.92
N ASN B 352 -15.49 12.39 -12.03
CA ASN B 352 -15.51 13.29 -10.89
C ASN B 352 -16.88 13.87 -10.52
N ASN B 353 -17.92 13.44 -11.22
CA ASN B 353 -19.27 13.73 -10.79
C ASN B 353 -19.98 12.50 -10.23
N MSE B 354 -19.21 11.44 -9.93
CA MSE B 354 -19.76 10.17 -9.46
C MSE B 354 -19.43 9.88 -8.00
O MSE B 354 -18.30 10.11 -7.55
CB MSE B 354 -19.24 9.01 -10.31
CG MSE B 354 -19.57 9.07 -11.79
SE MSE B 354 -18.88 7.49 -12.72
CE MSE B 354 -19.41 6.11 -11.35
N PHE B 355 -20.43 9.35 -7.28
CA PHE B 355 -20.26 8.77 -5.96
C PHE B 355 -20.69 7.33 -6.12
N ILE B 356 -19.74 6.40 -6.07
CA ILE B 356 -20.06 4.99 -6.23
C ILE B 356 -19.98 4.22 -4.91
N PHE B 357 -20.96 3.34 -4.71
CA PHE B 357 -20.94 2.38 -3.60
C PHE B 357 -20.82 0.99 -4.16
N ILE B 358 -19.92 0.19 -3.59
CA ILE B 358 -19.73 -1.19 -4.03
C ILE B 358 -19.63 -2.14 -2.84
N ASN B 359 -20.43 -3.21 -2.88
CA ASN B 359 -20.28 -4.32 -1.96
C ASN B 359 -20.04 -5.59 -2.75
N CYS B 360 -18.85 -6.17 -2.60
CA CYS B 360 -18.50 -7.32 -3.43
C CYS B 360 -17.76 -8.42 -2.68
N LEU B 361 -17.81 -9.61 -3.26
CA LEU B 361 -17.05 -10.77 -2.79
C LEU B 361 -16.03 -11.17 -3.85
N ILE B 362 -14.77 -11.27 -3.41
CA ILE B 362 -13.64 -11.59 -4.29
C ILE B 362 -12.93 -12.82 -3.72
N GLU B 363 -12.59 -13.77 -4.58
CA GLU B 363 -11.83 -14.96 -4.17
C GLU B 363 -10.38 -14.62 -3.85
N ASN B 364 -9.90 -15.13 -2.73
CA ASN B 364 -8.49 -15.02 -2.33
C ASN B 364 -7.85 -13.70 -2.73
N PRO B 365 -8.40 -12.59 -2.25
CA PRO B 365 -7.98 -11.25 -2.70
C PRO B 365 -6.54 -10.91 -2.30
N ALA B 366 -5.92 -10.04 -3.10
CA ALA B 366 -4.60 -9.51 -2.77
C ALA B 366 -4.72 -8.00 -2.68
N PHE B 367 -3.94 -7.42 -1.76
CA PHE B 367 -3.96 -6.00 -1.50
C PHE B 367 -2.54 -5.44 -1.54
N THR B 368 -2.43 -4.12 -1.55
CA THR B 368 -1.11 -3.46 -1.51
C THR B 368 -0.38 -3.65 -0.17
N SER B 369 -1.14 -3.83 0.91
CA SER B 369 -0.54 -3.99 2.23
C SER B 369 -1.45 -4.77 3.16
N GLN B 370 -0.96 -5.03 4.38
CA GLN B 370 -1.74 -5.69 5.43
C GLN B 370 -3.02 -4.92 5.79
N THR B 371 -3.01 -3.59 5.64
CA THR B 371 -4.19 -2.80 5.99
C THR B 371 -5.36 -3.09 5.06
N LYS B 372 -5.05 -3.66 3.89
CA LYS B 372 -6.06 -4.07 2.92
C LYS B 372 -6.98 -2.91 2.50
N GLU B 373 -6.39 -1.73 2.34
CA GLU B 373 -7.16 -0.57 1.90
C GLU B 373 -7.33 -0.53 0.38
N GLN B 374 -6.48 -1.25 -0.35
CA GLN B 374 -6.53 -1.20 -1.82
C GLN B 374 -6.38 -2.58 -2.47
N LEU B 375 -7.42 -3.00 -3.19
CA LEU B 375 -7.42 -4.30 -3.88
C LEU B 375 -6.56 -4.27 -5.16
N THR B 376 -5.75 -5.31 -5.35
CA THR B 376 -4.86 -5.42 -6.50
C THR B 376 -5.17 -6.62 -7.39
N THR B 377 -6.03 -7.51 -6.91
CA THR B 377 -6.41 -8.69 -7.68
C THR B 377 -6.90 -8.28 -9.07
N ARG B 378 -6.39 -8.93 -10.11
CA ARG B 378 -6.86 -8.67 -11.47
C ARG B 378 -8.30 -9.16 -11.60
N VAL B 379 -9.11 -8.40 -12.35
CA VAL B 379 -10.50 -8.79 -12.65
C VAL B 379 -10.65 -10.28 -13.01
N LYS B 380 -9.81 -10.79 -13.90
CA LYS B 380 -9.90 -12.17 -14.35
C LYS B 380 -9.72 -13.20 -13.23
N ASP B 381 -9.18 -12.75 -12.09
CA ASP B 381 -8.98 -13.61 -10.91
C ASP B 381 -10.00 -13.36 -9.78
N PHE B 382 -11.02 -12.54 -10.06
CA PHE B 382 -12.04 -12.21 -9.06
C PHE B 382 -12.83 -13.43 -8.58
N GLY B 383 -13.06 -14.38 -9.48
CA GLY B 383 -13.95 -15.51 -9.23
C GLY B 383 -15.40 -15.24 -9.65
N SER B 384 -15.62 -14.07 -10.25
CA SER B 384 -16.94 -13.66 -10.72
C SER B 384 -16.78 -12.43 -11.61
N ARG B 385 -17.84 -12.06 -12.30
CA ARG B 385 -17.85 -10.83 -13.10
C ARG B 385 -19.00 -9.92 -12.65
N CYS B 386 -18.93 -8.66 -13.06
CA CYS B 386 -20.00 -7.70 -12.79
C CYS B 386 -20.23 -6.79 -13.99
N GLU B 387 -20.99 -7.28 -14.95
CA GLU B 387 -21.37 -6.49 -16.11
C GLU B 387 -22.55 -5.59 -15.79
N ILE B 388 -22.28 -4.29 -15.67
CA ILE B 388 -23.32 -3.31 -15.38
C ILE B 388 -24.29 -3.27 -16.56
N PRO B 389 -25.57 -3.52 -16.30
CA PRO B 389 -26.60 -3.46 -17.35
C PRO B 389 -26.71 -2.06 -17.94
N LEU B 390 -26.97 -1.99 -19.25
CA LEU B 390 -27.13 -0.70 -19.93
C LEU B 390 -28.26 0.12 -19.33
N GLU B 391 -29.32 -0.55 -18.89
CA GLU B 391 -30.48 0.13 -18.30
C GLU B 391 -30.13 0.85 -17.00
N TYR B 392 -29.16 0.30 -16.25
CA TYR B 392 -28.68 0.95 -15.04
C TYR B 392 -27.93 2.23 -15.37
N ILE B 393 -27.12 2.20 -16.42
CA ILE B 393 -26.42 3.41 -16.88
C ILE B 393 -27.42 4.43 -17.43
N ASN B 394 -28.50 3.94 -18.05
CA ASN B 394 -29.61 4.79 -18.47
C ASN B 394 -30.21 5.58 -17.30
N LYS B 395 -30.33 4.93 -16.15
CA LYS B 395 -30.86 5.59 -14.96
C LYS B 395 -29.88 6.65 -14.45
N ILE B 396 -28.59 6.34 -14.48
CA ILE B 396 -27.55 7.34 -14.18
C ILE B 396 -27.66 8.56 -15.11
N MSE B 397 -28.03 8.32 -16.36
CA MSE B 397 -28.14 9.40 -17.35
C MSE B 397 -29.37 10.30 -17.14
O MSE B 397 -29.51 11.32 -17.82
CB MSE B 397 -28.07 8.85 -18.77
CG MSE B 397 -26.69 8.37 -19.15
SE MSE B 397 -25.38 9.82 -19.18
CE MSE B 397 -25.04 10.01 -17.36
N LYS B 398 -30.22 9.95 -16.20
CA LYS B 398 -31.36 10.78 -15.83
C LYS B 398 -31.02 11.74 -14.68
N THR B 399 -29.88 11.50 -14.02
CA THR B 399 -29.46 12.31 -12.87
C THR B 399 -28.76 13.59 -13.29
N ASP B 400 -28.38 14.40 -12.29
CA ASP B 400 -27.67 15.67 -12.53
C ASP B 400 -26.33 15.49 -13.26
N LEU B 401 -25.80 14.27 -13.26
CA LEU B 401 -24.54 14.00 -13.95
C LEU B 401 -24.64 14.33 -15.43
N ALA B 402 -25.71 13.88 -16.08
CA ALA B 402 -25.93 14.08 -17.51
C ALA B 402 -26.11 15.56 -17.87
N THR B 403 -26.88 16.27 -17.05
CA THR B 403 -27.12 17.69 -17.26
C THR B 403 -25.80 18.49 -17.16
N ARG B 404 -24.94 18.07 -16.25
CA ARG B 404 -23.61 18.65 -16.12
C ARG B 404 -22.71 18.31 -17.31
N MSE B 405 -22.85 17.08 -17.81
CA MSE B 405 -22.02 16.59 -18.93
C MSE B 405 -22.46 17.18 -20.27
O MSE B 405 -21.65 17.32 -21.19
CB MSE B 405 -22.03 15.06 -19.00
CG MSE B 405 -21.26 14.37 -17.89
SE MSE B 405 -19.50 15.12 -17.57
CE MSE B 405 -19.95 16.33 -16.10
N PHE B 406 -23.73 17.52 -20.38
CA PHE B 406 -24.25 18.10 -21.62
C PHE B 406 -24.03 19.61 -21.67
N GLU B 407 -23.63 20.20 -20.55
CA GLU B 407 -23.25 21.60 -20.49
C GLU B 407 -21.79 21.80 -20.94
N ILE B 408 -20.94 20.82 -20.65
CA ILE B 408 -19.53 20.84 -21.05
C ILE B 408 -19.41 20.57 -22.56
N ALA B 409 -20.15 19.58 -23.04
CA ALA B 409 -20.19 19.25 -24.47
C ALA B 409 -20.89 20.34 -25.28
N ASP B 410 -22.12 20.67 -24.88
CA ASP B 410 -22.93 21.67 -25.58
C ASP B 410 -23.07 22.96 -24.77
MG MG C . 17.18 -1.09 0.33
PG ANP D . 14.75 -1.22 2.50
O1G ANP D . 14.12 -2.56 2.81
O2G ANP D . 15.37 -1.25 1.12
O3G ANP D . 13.65 -0.19 2.55
PB ANP D . 17.52 -1.06 3.40
O1B ANP D . 18.03 -0.43 2.14
O2B ANP D . 18.20 -0.42 4.58
N3B ANP D . 15.89 -0.81 3.63
PA ANP D . 18.37 -3.41 2.27
O1A ANP D . 17.95 -3.01 0.89
O2A ANP D . 17.99 -4.86 2.49
O3A ANP D . 17.74 -2.58 3.38
O5' ANP D . 19.87 -3.27 2.40
C5' ANP D . 20.46 -3.73 3.63
C4' ANP D . 21.58 -2.80 4.07
O4' ANP D . 22.70 -3.02 3.24
C3' ANP D . 21.25 -1.32 3.86
O3' ANP D . 20.80 -0.73 5.08
C2' ANP D . 22.55 -0.69 3.41
O2' ANP D . 23.20 -0.18 4.56
C1' ANP D . 23.39 -1.83 2.90
N9 ANP D . 23.57 -1.75 1.43
C8 ANP D . 22.81 -2.37 0.49
N7 ANP D . 23.28 -2.10 -0.75
C5 ANP D . 24.34 -1.29 -0.61
C6 ANP D . 25.30 -0.64 -1.53
N6 ANP D . 25.17 -0.80 -2.90
N1 ANP D . 26.28 0.10 -0.99
C2 ANP D . 26.39 0.27 0.36
N3 ANP D . 25.55 -0.30 1.24
C4 ANP D . 24.54 -1.08 0.82
MG MG E . -7.82 -11.51 10.33
PG ANP F . -5.25 -11.36 8.26
O1G ANP F . -3.90 -10.98 8.81
O2G ANP F . -6.35 -10.80 9.13
O3G ANP F . -5.39 -10.83 6.87
PB ANP F . -6.16 -13.90 9.37
O1B ANP F . -7.55 -13.37 9.57
O2B ANP F . -6.25 -15.31 8.89
N3B ANP F . -5.39 -13.02 8.18
PA ANP F . -5.74 -13.32 12.01
O1A ANP F . -6.63 -12.10 11.93
O2A ANP F . -4.53 -13.02 12.82
O3A ANP F . -5.31 -13.78 10.62
O5' ANP F . -6.48 -14.47 12.67
C5' ANP F . -5.75 -15.68 12.87
C4' ANP F . -6.67 -16.88 12.72
O4' ANP F . -7.53 -16.96 13.84
C3' ANP F . -7.64 -16.77 11.54
O3' ANP F . -7.11 -17.34 10.37
C2' ANP F . -8.90 -17.49 11.99
O2' ANP F . -8.86 -18.85 11.56
C1' ANP F . -8.83 -17.42 13.51
N9 ANP F . -9.81 -16.44 14.04
C8 ANP F . -9.58 -15.15 14.32
N7 ANP F . -10.70 -14.55 14.82
C5 ANP F . -11.65 -15.49 14.84
C6 ANP F . -13.07 -15.54 15.26
N6 ANP F . -13.71 -14.40 15.75
N1 ANP F . -13.72 -16.71 15.14
C2 ANP F . -13.10 -17.81 14.66
N3 ANP F . -11.82 -17.83 14.27
C4 ANP F . -11.06 -16.73 14.34
#